data_7AQ1
#
_entry.id   7AQ1
#
_cell.length_a   162.250
_cell.length_b   72.440
_cell.length_c   135.470
_cell.angle_alpha   90.000
_cell.angle_beta   118.430
_cell.angle_gamma   90.000
#
_symmetry.space_group_name_H-M   'C 1 2 1'
#
loop_
_entity.id
_entity.type
_entity.pdbx_description
1 polymer 'Meprin B subunit beta'
2 branched 2-acetamido-2-deoxy-beta-D-glucopyranose-(1-4)-2-acetamido-2-deoxy-beta-D-glucopyranose
3 branched alpha-D-mannopyranose-(1-2)-alpha-D-mannopyranose-(1-6)-[alpha-D-mannopyranose-(1-3)]alpha-D-mannopyranose-(1-6)-[alpha-D-mannopyranose-(1-2)-alpha-D-mannopyranose-(1-3)]beta-D-mannopyranose-(1-4)-2-acetamido-2-deoxy-beta-D-glucopyranose-(1-4)-2-acetamido-2-deoxy-beta-D-glucopyranose
4 branched alpha-D-mannopyranose-(1-2)-alpha-D-mannopyranose-(1-6)-[alpha-D-mannopyranose-(1-3)]alpha-D-mannopyranose-(1-6)-[alpha-D-mannopyranose-(1-3)]beta-D-mannopyranose-(1-4)-2-acetamido-2-deoxy-beta-D-glucopyranose-(1-4)-2-acetamido-2-deoxy-beta-D-glucopyranose
5 non-polymer 'ZINC ION'
6 non-polymer 1,2-ETHANEDIOL
7 non-polymer '3-[[(3-Carboxyphenyl)methyl-[2-(hydroxyamino)-2-oxoethyl]amino]methyl]benzoic acid'
8 non-polymer 'CALCIUM ION'
9 non-polymer 'CHLORIDE ION'
10 non-polymer 2-acetamido-2-deoxy-beta-D-glucopyranose
11 water water
#
_entity_poly.entity_id   1
_entity_poly.type   'polypeptide(L)'
_entity_poly.pdbx_seq_one_letter_code
;NSIIGEKYRWPHTIPYVLEDSLEMNAKGVILNAFERYRLKTCIDFKPWAGETNYISVFKGSGCWSSVGNRRVGKQELSIG
ANCDRIATVQHEFLHALGFWHEQSRSDRDDYVRIMWDRILSGREHNFNTYSDDISDSLNVPYDYTSVMHYSKTAFQNGTE
PTIVTRISDFEDVIGQRMDFSDSDLLKLNQLYNCSSSLSFMDSCSFELENVCGMIQSSGDNADWQRVSQVPRGPESDHSN
MGQCQGSGFFMHFDSSSVNVGATAVLESRTLYPKRGFQCLQFYLYNSGSESDQLNIYIREYSADNVDGNLTLVEEIKEIP
TGSWQLYHVTLKVTKKFRVVFEGRKGSGASLGGLSIDDINLSETRCPHHIWHIRNFTQFIGSPNGTLYSPPFYSSKGYAF
QIYLNLAHVTNAGIYFHLISGANDDQLQWPCPWQQATMTLLDQNPDIRQRMSNQRSITTDPFMTTDNGNYFWDRPSKVGT
VALFSNGTQFRRGGGYGTSAFITHERLKSRDFIKGDDVYILLTVEDISHLNSTQ
;
_entity_poly.pdbx_strand_id   A,B
#
# COMPACT_ATOMS: atom_id res chain seq x y z
N ASN A 1 -9.02 9.17 16.48
CA ASN A 1 -10.25 9.92 16.57
C ASN A 1 -11.48 9.02 16.50
N SER A 2 -11.30 7.74 16.83
CA SER A 2 -12.40 6.79 16.84
C SER A 2 -12.90 6.58 18.26
N ILE A 3 -14.20 6.37 18.40
CA ILE A 3 -14.82 6.18 19.71
C ILE A 3 -14.54 4.77 20.19
N ILE A 4 -14.18 4.65 21.46
CA ILE A 4 -13.85 3.37 22.08
C ILE A 4 -15.12 2.73 22.62
N GLY A 5 -15.33 1.46 22.30
CA GLY A 5 -16.49 0.73 22.75
C GLY A 5 -17.13 -0.11 21.67
N GLU A 6 -17.24 -1.42 21.91
CA GLU A 6 -17.83 -2.31 20.92
C GLU A 6 -19.30 -2.02 20.68
N LYS A 7 -19.97 -1.34 21.61
CA LYS A 7 -21.38 -1.02 21.44
C LYS A 7 -21.62 0.12 20.43
N TYR A 8 -20.58 0.88 20.10
CA TYR A 8 -20.71 1.97 19.16
C TYR A 8 -20.53 1.53 17.70
N ARG A 9 -20.26 0.26 17.45
CA ARG A 9 -20.10 -0.22 16.10
C ARG A 9 -21.47 -0.45 15.46
N TRP A 10 -21.61 -0.05 14.22
CA TRP A 10 -22.76 -0.44 13.42
C TRP A 10 -22.51 -1.80 12.79
N PRO A 11 -23.56 -2.48 12.33
CA PRO A 11 -23.33 -3.58 11.39
C PRO A 11 -22.64 -3.06 10.14
N HIS A 12 -21.93 -3.95 9.45
CA HIS A 12 -21.22 -3.53 8.25
C HIS A 12 -22.17 -2.92 7.24
N THR A 13 -23.41 -3.40 7.18
CA THR A 13 -24.46 -2.80 6.35
C THR A 13 -25.38 -1.98 7.25
N ILE A 14 -25.44 -0.68 6.99
CA ILE A 14 -26.21 0.24 7.82
C ILE A 14 -27.60 0.42 7.22
N PRO A 15 -28.68 0.23 7.97
CA PRO A 15 -30.00 0.56 7.43
C PRO A 15 -30.23 2.06 7.49
N TYR A 16 -30.83 2.60 6.42
CA TYR A 16 -30.99 4.04 6.32
C TYR A 16 -32.38 4.38 5.77
N VAL A 17 -32.82 5.59 6.10
CA VAL A 17 -34.02 6.20 5.54
C VAL A 17 -33.65 7.60 5.07
N LEU A 18 -34.07 7.94 3.85
CA LEU A 18 -33.90 9.30 3.32
C LEU A 18 -35.22 10.02 3.54
N GLU A 19 -35.26 10.88 4.55
CA GLU A 19 -36.51 11.56 4.92
C GLU A 19 -36.97 12.47 3.78
N ASP A 20 -38.29 12.69 3.73
CA ASP A 20 -38.84 13.51 2.66
C ASP A 20 -38.46 14.97 2.79
N SER A 21 -37.98 15.39 3.96
CA SER A 21 -37.51 16.76 4.14
C SER A 21 -36.25 17.05 3.34
N LEU A 22 -35.50 16.02 2.95
CA LEU A 22 -34.26 16.22 2.22
C LEU A 22 -34.53 16.88 0.87
N GLU A 23 -33.65 17.79 0.48
CA GLU A 23 -33.71 18.35 -0.86
C GLU A 23 -33.43 17.25 -1.88
N MET A 24 -33.97 17.43 -3.08
CA MET A 24 -33.77 16.46 -4.14
C MET A 24 -32.28 16.22 -4.40
N ASN A 25 -31.53 17.31 -4.60
CA ASN A 25 -30.10 17.17 -4.85
C ASN A 25 -29.41 16.44 -3.71
N ALA A 26 -29.81 16.73 -2.47
CA ALA A 26 -29.19 16.07 -1.32
C ALA A 26 -29.41 14.56 -1.39
N LYS A 27 -30.62 14.13 -1.72
CA LYS A 27 -30.91 12.70 -1.81
C LYS A 27 -29.97 12.02 -2.79
N GLY A 28 -29.78 12.62 -3.96
CA GLY A 28 -28.87 12.03 -4.94
C GLY A 28 -27.43 12.02 -4.47
N VAL A 29 -27.00 13.12 -3.85
CA VAL A 29 -25.62 13.20 -3.36
C VAL A 29 -25.37 12.14 -2.30
N ILE A 30 -26.34 11.93 -1.40
CA ILE A 30 -26.19 10.91 -0.36
C ILE A 30 -25.99 9.54 -0.99
N LEU A 31 -26.84 9.18 -1.95
CA LEU A 31 -26.71 7.89 -2.61
C LEU A 31 -25.39 7.78 -3.36
N ASN A 32 -24.86 8.91 -3.86
CA ASN A 32 -23.52 8.89 -4.45
C ASN A 32 -22.46 8.62 -3.39
N ALA A 33 -22.60 9.24 -2.22
CA ALA A 33 -21.66 9.00 -1.14
C ALA A 33 -21.60 7.52 -0.77
N PHE A 34 -22.76 6.86 -0.75
CA PHE A 34 -22.78 5.43 -0.47
C PHE A 34 -21.91 4.66 -1.46
N GLU A 35 -21.96 5.04 -2.73
CA GLU A 35 -21.14 4.37 -3.74
C GLU A 35 -19.66 4.44 -3.39
N ARG A 36 -19.21 5.57 -2.83
CA ARG A 36 -17.81 5.69 -2.44
C ARG A 36 -17.48 4.74 -1.29
N TYR A 37 -18.38 4.63 -0.31
CA TYR A 37 -18.18 3.65 0.75
C TYR A 37 -18.10 2.24 0.19
N ARG A 38 -18.98 1.92 -0.76
CA ARG A 38 -18.98 0.58 -1.36
C ARG A 38 -17.72 0.32 -2.18
N LEU A 39 -17.05 1.37 -2.67
CA LEU A 39 -15.86 1.18 -3.48
C LEU A 39 -14.62 0.97 -2.61
N LYS A 40 -14.52 1.69 -1.49
CA LYS A 40 -13.27 1.77 -0.74
C LYS A 40 -13.34 1.18 0.66
N THR A 41 -14.50 0.70 1.11
CA THR A 41 -14.63 0.15 2.45
C THR A 41 -15.53 -1.08 2.39
N CYS A 42 -15.60 -1.80 3.50
CA CYS A 42 -16.55 -2.90 3.64
C CYS A 42 -17.87 -2.45 4.23
N ILE A 43 -18.07 -1.14 4.35
CA ILE A 43 -19.34 -0.60 4.81
C ILE A 43 -20.29 -0.52 3.63
N ASP A 44 -21.51 -0.99 3.83
CA ASP A 44 -22.56 -0.93 2.82
C ASP A 44 -23.79 -0.28 3.45
N PHE A 45 -24.77 0.03 2.60
CA PHE A 45 -25.99 0.69 3.04
C PHE A 45 -27.19 0.06 2.35
N LYS A 46 -28.27 -0.12 3.11
CA LYS A 46 -29.49 -0.68 2.56
C LYS A 46 -30.69 0.04 3.16
N PRO A 47 -31.78 0.17 2.40
CA PRO A 47 -32.98 0.81 2.96
C PRO A 47 -33.46 0.11 4.21
N TRP A 48 -33.82 0.91 5.21
CA TRP A 48 -34.34 0.38 6.47
C TRP A 48 -35.55 -0.51 6.23
N ALA A 49 -35.55 -1.68 6.85
CA ALA A 49 -36.64 -2.64 6.71
C ALA A 49 -37.02 -3.22 8.07
N GLY A 50 -37.18 -2.34 9.06
CA GLY A 50 -37.63 -2.73 10.37
C GLY A 50 -36.54 -2.98 11.39
N GLU A 51 -35.28 -2.81 11.03
CA GLU A 51 -34.19 -2.98 11.99
C GLU A 51 -34.39 -2.01 13.15
N THR A 52 -34.00 -2.45 14.34
CA THR A 52 -34.16 -1.62 15.53
C THR A 52 -33.41 -0.31 15.38
N ASN A 53 -32.10 -0.39 15.11
CA ASN A 53 -31.26 0.78 14.96
C ASN A 53 -31.04 1.07 13.48
N TYR A 54 -31.32 2.31 13.07
CA TYR A 54 -31.13 2.73 11.70
C TYR A 54 -30.84 4.22 11.70
N ILE A 55 -30.35 4.71 10.57
CA ILE A 55 -30.00 6.12 10.40
C ILE A 55 -31.08 6.80 9.59
N SER A 56 -31.59 7.91 10.11
CA SER A 56 -32.61 8.71 9.45
C SER A 56 -31.99 10.02 9.00
N VAL A 57 -31.76 10.15 7.70
CA VAL A 57 -31.18 11.36 7.13
C VAL A 57 -32.30 12.35 6.83
N PHE A 58 -32.19 13.56 7.38
CA PHE A 58 -33.24 14.55 7.27
C PHE A 58 -32.61 15.93 7.13
N LYS A 59 -33.43 16.90 6.73
CA LYS A 59 -32.97 18.27 6.49
C LYS A 59 -33.13 19.08 7.77
N GLY A 60 -32.19 18.90 8.68
CA GLY A 60 -32.13 19.71 9.87
C GLY A 60 -31.39 21.01 9.61
N SER A 61 -31.01 21.68 10.69
CA SER A 61 -30.22 22.90 10.61
C SER A 61 -28.74 22.49 10.57
N GLY A 62 -28.11 22.66 9.41
CA GLY A 62 -26.72 22.31 9.25
C GLY A 62 -26.51 20.84 8.98
N CYS A 63 -25.23 20.44 9.04
CA CYS A 63 -24.82 19.06 8.82
C CYS A 63 -24.20 18.52 10.11
N TRP A 64 -24.80 17.46 10.65
CA TRP A 64 -24.31 16.90 11.90
C TRP A 64 -24.78 15.47 12.04
N SER A 65 -24.16 14.77 12.99
CA SER A 65 -24.47 13.36 13.26
C SER A 65 -23.91 13.01 14.63
N SER A 66 -24.52 12.02 15.27
CA SER A 66 -23.93 11.45 16.46
C SER A 66 -22.71 10.61 16.07
N VAL A 67 -21.87 10.34 17.05
CA VAL A 67 -20.64 9.59 16.82
C VAL A 67 -20.87 8.15 17.28
N GLY A 68 -20.88 7.23 16.31
CA GLY A 68 -21.08 5.83 16.59
C GLY A 68 -22.55 5.43 16.63
N ASN A 69 -22.77 4.12 16.63
CA ASN A 69 -24.11 3.56 16.82
C ASN A 69 -24.54 3.84 18.25
N ARG A 70 -25.50 4.76 18.42
CA ARG A 70 -25.94 5.12 19.76
C ARG A 70 -27.01 4.17 20.28
N ARG A 71 -27.48 3.24 19.45
CA ARG A 71 -28.47 2.23 19.84
C ARG A 71 -29.66 2.88 20.53
N VAL A 72 -30.16 3.94 19.91
CA VAL A 72 -31.36 4.63 20.36
C VAL A 72 -32.52 4.40 19.39
N GLY A 73 -32.45 3.34 18.60
CA GLY A 73 -33.42 3.12 17.55
C GLY A 73 -33.20 4.04 16.37
N LYS A 74 -34.13 4.95 16.13
CA LYS A 74 -33.99 5.93 15.05
C LYS A 74 -32.92 6.94 15.42
N GLN A 75 -31.79 6.89 14.72
CA GLN A 75 -30.68 7.80 14.94
C GLN A 75 -30.64 8.78 13.77
N GLU A 76 -30.85 10.05 14.05
CA GLU A 76 -30.97 11.03 12.98
C GLU A 76 -29.61 11.58 12.58
N LEU A 77 -29.49 11.87 11.28
CA LEU A 77 -28.32 12.51 10.70
C LEU A 77 -28.82 13.63 9.80
N SER A 78 -28.29 14.83 9.99
CA SER A 78 -28.81 16.02 9.33
C SER A 78 -27.95 16.36 8.11
N ILE A 79 -28.58 16.40 6.95
CA ILE A 79 -27.98 17.00 5.75
C ILE A 79 -28.88 18.18 5.37
N GLY A 80 -28.65 19.32 6.00
CA GLY A 80 -29.45 20.50 5.77
C GLY A 80 -29.03 21.24 4.52
N ALA A 81 -29.52 22.48 4.41
CA ALA A 81 -29.18 23.31 3.27
C ALA A 81 -27.67 23.48 3.17
N ASN A 82 -27.16 23.40 1.93
CA ASN A 82 -25.75 23.54 1.60
C ASN A 82 -24.92 22.35 2.05
N CYS A 83 -25.51 21.36 2.73
CA CYS A 83 -24.81 20.14 3.09
C CYS A 83 -24.85 19.08 1.99
N ASP A 84 -25.56 19.35 0.89
CA ASP A 84 -25.70 18.39 -0.20
C ASP A 84 -24.41 18.36 -1.03
N ARG A 85 -23.35 17.87 -0.40
CA ARG A 85 -22.05 17.69 -1.02
C ARG A 85 -21.51 16.33 -0.62
N ILE A 86 -21.01 15.57 -1.60
CA ILE A 86 -20.68 14.17 -1.36
C ILE A 86 -19.64 14.05 -0.25
N ALA A 87 -18.64 14.93 -0.24
CA ALA A 87 -17.62 14.88 0.80
C ALA A 87 -18.21 15.20 2.18
N THR A 88 -19.21 16.09 2.23
CA THR A 88 -19.85 16.40 3.51
C THR A 88 -20.66 15.21 4.01
N VAL A 89 -21.36 14.52 3.11
CA VAL A 89 -22.11 13.34 3.51
C VAL A 89 -21.17 12.25 4.01
N GLN A 90 -20.10 11.98 3.24
CA GLN A 90 -19.08 11.03 3.70
C GLN A 90 -18.60 11.40 5.11
N HIS A 91 -18.31 12.69 5.31
CA HIS A 91 -17.87 13.17 6.61
C HIS A 91 -18.92 12.87 7.68
N GLU A 92 -20.18 13.21 7.42
CA GLU A 92 -21.22 12.99 8.41
C GLU A 92 -21.39 11.51 8.73
N PHE A 93 -21.24 10.65 7.73
CA PHE A 93 -21.36 9.22 7.98
C PHE A 93 -20.13 8.63 8.64
N LEU A 94 -18.96 9.26 8.50
CA LEU A 94 -17.82 8.86 9.31
C LEU A 94 -18.09 9.16 10.78
N HIS A 95 -18.79 10.26 11.08
CA HIS A 95 -19.27 10.49 12.44
C HIS A 95 -20.14 9.33 12.89
N ALA A 96 -21.17 9.01 12.10
CA ALA A 96 -22.07 7.92 12.46
C ALA A 96 -21.31 6.63 12.69
N LEU A 97 -20.28 6.38 11.89
CA LEU A 97 -19.50 5.15 12.01
C LEU A 97 -18.56 5.16 13.21
N GLY A 98 -18.38 6.30 13.88
CA GLY A 98 -17.66 6.32 15.13
C GLY A 98 -16.42 7.19 15.20
N PHE A 99 -16.34 8.24 14.36
CA PHE A 99 -15.15 9.07 14.29
C PHE A 99 -15.46 10.50 14.69
N TRP A 100 -14.65 11.04 15.60
CA TRP A 100 -14.63 12.45 15.91
C TRP A 100 -13.77 13.20 14.90
N HIS A 101 -13.79 14.52 14.98
CA HIS A 101 -12.92 15.34 14.14
C HIS A 101 -11.46 15.04 14.45
N GLU A 102 -10.61 15.17 13.43
CA GLU A 102 -9.20 14.86 13.60
C GLU A 102 -8.54 15.80 14.62
N GLN A 103 -8.90 17.08 14.60
CA GLN A 103 -8.30 18.02 15.54
C GLN A 103 -8.82 17.84 16.97
N SER A 104 -9.72 16.89 17.20
CA SER A 104 -10.16 16.55 18.54
C SER A 104 -9.28 15.49 19.19
N ARG A 105 -8.24 15.04 18.50
CA ARG A 105 -7.36 14.02 19.04
C ARG A 105 -6.65 14.52 20.29
N SER A 106 -6.29 13.57 21.16
CA SER A 106 -5.59 13.92 22.40
C SER A 106 -4.23 14.55 22.15
N ASP A 107 -3.60 14.28 21.01
CA ASP A 107 -2.31 14.82 20.67
C ASP A 107 -2.39 15.99 19.69
N ARG A 108 -3.58 16.56 19.50
CA ARG A 108 -3.78 17.54 18.45
C ARG A 108 -2.92 18.79 18.66
N ASP A 109 -2.60 19.11 19.91
CA ASP A 109 -1.83 20.31 20.19
C ASP A 109 -0.39 20.22 19.69
N ASP A 110 0.11 19.02 19.42
CA ASP A 110 1.44 18.87 18.86
C ASP A 110 1.49 19.21 17.37
N TYR A 111 0.34 19.28 16.71
CA TYR A 111 0.27 19.48 15.27
C TYR A 111 -0.44 20.75 14.86
N VAL A 112 -1.40 21.23 15.64
CA VAL A 112 -2.10 22.47 15.35
C VAL A 112 -2.08 23.36 16.59
N ARG A 113 -2.19 24.66 16.36
CA ARG A 113 -2.29 25.66 17.42
C ARG A 113 -3.64 26.34 17.30
N ILE A 114 -4.44 26.26 18.37
CA ILE A 114 -5.74 26.91 18.39
C ILE A 114 -5.54 28.37 18.77
N MET A 115 -5.94 29.28 17.88
CA MET A 115 -5.91 30.71 18.18
C MET A 115 -7.22 31.06 18.86
N TRP A 116 -7.25 30.89 20.18
CA TRP A 116 -8.48 31.07 20.94
C TRP A 116 -8.97 32.51 20.90
N ASP A 117 -8.07 33.48 20.76
CA ASP A 117 -8.47 34.88 20.70
C ASP A 117 -9.30 35.19 19.47
N ARG A 118 -9.38 34.26 18.51
CA ARG A 118 -10.07 34.48 17.25
C ARG A 118 -11.35 33.66 17.11
N ILE A 119 -11.74 32.89 18.13
CA ILE A 119 -12.96 32.12 18.04
C ILE A 119 -14.15 33.00 18.44
N LEU A 120 -15.27 32.81 17.75
CA LEU A 120 -16.49 33.51 18.08
C LEU A 120 -16.94 33.14 19.48
N SER A 121 -17.37 34.15 20.25
CA SER A 121 -17.83 33.91 21.61
C SER A 121 -18.91 32.82 21.62
N GLY A 122 -18.75 31.85 22.51
CA GLY A 122 -19.68 30.74 22.60
C GLY A 122 -19.40 29.58 21.69
N ARG A 123 -18.32 29.64 20.90
CA ARG A 123 -17.98 28.58 19.96
C ARG A 123 -16.67 27.89 20.30
N GLU A 124 -16.06 28.24 21.43
CA GLU A 124 -14.80 27.62 21.81
C GLU A 124 -14.99 26.16 22.21
N HIS A 125 -16.22 25.75 22.51
CA HIS A 125 -16.46 24.35 22.88
C HIS A 125 -16.25 23.44 21.67
N ASN A 126 -16.28 23.99 20.46
CA ASN A 126 -16.13 23.18 19.26
C ASN A 126 -14.70 22.75 19.02
N PHE A 127 -13.76 23.23 19.82
CA PHE A 127 -12.35 22.88 19.69
C PHE A 127 -11.88 22.02 20.85
N ASN A 128 -12.78 21.25 21.47
CA ASN A 128 -12.40 20.43 22.60
C ASN A 128 -11.70 19.16 22.11
N THR A 129 -11.00 18.50 23.03
CA THR A 129 -10.27 17.28 22.75
C THR A 129 -10.75 16.14 23.64
N TYR A 130 -10.67 14.92 23.12
CA TYR A 130 -11.06 13.73 23.85
C TYR A 130 -9.81 12.91 24.12
N SER A 131 -9.61 12.54 25.39
CA SER A 131 -8.41 11.84 25.81
C SER A 131 -8.40 10.41 25.26
N ASP A 132 -7.24 9.76 25.39
CA ASP A 132 -7.04 8.43 24.82
C ASP A 132 -7.81 7.34 25.57
N ASP A 133 -8.48 7.66 26.67
CA ASP A 133 -9.31 6.67 27.35
C ASP A 133 -10.69 6.52 26.71
N ILE A 134 -11.11 7.50 25.92
CA ILE A 134 -12.36 7.41 25.16
C ILE A 134 -12.14 7.53 23.66
N SER A 135 -10.95 7.94 23.21
CA SER A 135 -10.65 8.12 21.80
C SER A 135 -9.42 7.30 21.43
N ASP A 136 -9.51 6.56 20.33
CA ASP A 136 -8.42 5.71 19.86
C ASP A 136 -8.07 6.12 18.43
N SER A 137 -6.84 6.58 18.23
CA SER A 137 -6.38 6.97 16.90
C SER A 137 -5.85 5.79 16.08
N LEU A 138 -5.94 4.57 16.60
CA LEU A 138 -5.67 3.36 15.82
C LEU A 138 -4.27 3.37 15.23
N ASN A 139 -3.30 3.90 15.98
CA ASN A 139 -1.90 3.87 15.59
C ASN A 139 -1.67 4.53 14.23
N VAL A 140 -2.44 5.57 13.94
CA VAL A 140 -2.31 6.32 12.69
C VAL A 140 -1.87 7.73 13.02
N PRO A 141 -0.87 8.28 12.36
CA PRO A 141 -0.42 9.64 12.69
C PRO A 141 -1.50 10.68 12.43
N TYR A 142 -1.34 11.82 13.09
CA TYR A 142 -2.24 12.94 12.90
C TYR A 142 -2.32 13.29 11.42
N ASP A 143 -3.55 13.45 10.93
CA ASP A 143 -3.80 13.55 9.48
C ASP A 143 -4.35 14.93 9.14
N TYR A 144 -3.48 15.79 8.63
CA TYR A 144 -3.92 17.11 8.18
C TYR A 144 -4.92 17.00 7.03
N THR A 145 -4.80 15.98 6.20
CA THR A 145 -5.64 15.82 5.02
C THR A 145 -6.94 15.09 5.31
N SER A 146 -7.24 14.81 6.58
CA SER A 146 -8.45 14.08 6.91
C SER A 146 -9.69 14.85 6.49
N VAL A 147 -10.68 14.12 5.98
CA VAL A 147 -11.98 14.71 5.69
C VAL A 147 -12.74 15.06 6.96
N MET A 148 -12.22 14.65 8.12
CA MET A 148 -12.82 14.97 9.40
C MET A 148 -12.09 16.12 10.11
N HIS A 149 -11.24 16.84 9.41
CA HIS A 149 -10.44 17.92 10.00
C HIS A 149 -11.00 19.26 9.55
N TYR A 150 -11.32 20.12 10.53
CA TYR A 150 -11.78 21.47 10.25
C TYR A 150 -10.77 22.21 9.36
N SER A 151 -11.27 23.18 8.62
CA SER A 151 -10.38 24.11 7.95
C SER A 151 -9.88 25.16 8.94
N LYS A 152 -8.96 26.01 8.47
CA LYS A 152 -8.33 26.97 9.37
C LYS A 152 -9.28 28.07 9.82
N THR A 153 -10.43 28.23 9.16
CA THR A 153 -11.33 29.34 9.42
C THR A 153 -12.52 28.97 10.30
N ALA A 154 -12.54 27.76 10.85
CA ALA A 154 -13.71 27.29 11.60
C ALA A 154 -14.06 28.23 12.76
N PHE A 155 -15.29 28.74 12.75
CA PHE A 155 -15.79 29.59 13.83
C PHE A 155 -14.89 30.79 14.09
N GLN A 156 -14.30 31.34 13.04
CA GLN A 156 -13.39 32.46 13.21
C GLN A 156 -14.18 33.75 13.36
N ASN A 157 -13.68 34.64 14.20
CA ASN A 157 -14.20 35.99 14.34
C ASN A 157 -13.19 36.92 13.67
N GLY A 158 -13.52 37.36 12.46
CA GLY A 158 -12.62 38.14 11.65
C GLY A 158 -12.03 37.33 10.52
N THR A 159 -10.91 37.83 9.98
CA THR A 159 -10.24 37.19 8.86
C THR A 159 -9.05 36.34 9.26
N GLU A 160 -8.80 36.19 10.55
CA GLU A 160 -7.60 35.47 10.99
C GLU A 160 -7.94 34.03 11.39
N PRO A 161 -7.12 33.06 10.99
CA PRO A 161 -7.48 31.66 11.20
C PRO A 161 -7.51 31.26 12.67
N THR A 162 -8.44 30.36 12.99
CA THR A 162 -8.55 29.81 14.33
C THR A 162 -7.68 28.57 14.53
N ILE A 163 -7.32 27.87 13.47
CA ILE A 163 -6.48 26.69 13.55
C ILE A 163 -5.25 26.92 12.69
N VAL A 164 -4.08 26.89 13.31
CA VAL A 164 -2.80 27.09 12.63
C VAL A 164 -2.02 25.80 12.73
N THR A 165 -1.65 25.23 11.58
CA THR A 165 -0.88 24.00 11.55
C THR A 165 0.58 24.34 11.82
N ARG A 166 1.20 23.61 12.76
CA ARG A 166 2.58 23.94 13.13
C ARG A 166 3.54 23.68 11.97
N ILE A 167 3.28 22.66 11.16
CA ILE A 167 3.95 22.55 9.86
C ILE A 167 3.21 23.51 8.93
N SER A 168 3.83 24.67 8.67
CA SER A 168 3.13 25.76 8.01
C SER A 168 2.56 25.36 6.65
N ASP A 169 3.21 24.43 5.95
CA ASP A 169 2.75 24.06 4.61
C ASP A 169 1.34 23.47 4.62
N PHE A 170 0.83 23.08 5.77
CA PHE A 170 -0.51 22.48 5.86
C PHE A 170 -1.58 23.47 6.26
N GLU A 171 -1.26 24.78 6.34
CA GLU A 171 -2.23 25.74 6.83
C GLU A 171 -3.48 25.77 5.96
N ASP A 172 -3.30 25.75 4.64
CA ASP A 172 -4.43 25.71 3.72
C ASP A 172 -4.85 24.29 3.36
N VAL A 173 -4.09 23.28 3.78
CA VAL A 173 -4.45 21.90 3.47
C VAL A 173 -5.63 21.44 4.31
N ILE A 174 -5.61 21.75 5.61
CA ILE A 174 -6.66 21.24 6.50
C ILE A 174 -8.02 21.77 6.04
N GLY A 175 -9.04 20.94 6.21
CA GLY A 175 -10.38 21.26 5.78
C GLY A 175 -10.77 20.74 4.43
N GLN A 176 -9.94 19.91 3.81
CA GLN A 176 -10.26 19.36 2.50
C GLN A 176 -11.58 18.59 2.55
N ARG A 177 -12.44 18.83 1.56
CA ARG A 177 -13.73 18.17 1.46
C ARG A 177 -13.91 17.63 0.04
N MET A 178 -12.95 16.79 -0.37
CA MET A 178 -12.98 16.15 -1.68
C MET A 178 -13.33 14.68 -1.61
N ASP A 179 -12.68 13.93 -0.72
CA ASP A 179 -12.91 12.50 -0.59
C ASP A 179 -12.23 12.02 0.70
N PHE A 180 -12.41 10.73 1.00
CA PHE A 180 -11.62 10.12 2.07
C PHE A 180 -10.14 10.39 1.85
N SER A 181 -9.42 10.65 2.92
CA SER A 181 -7.97 10.57 2.86
C SER A 181 -7.55 9.12 3.04
N ASP A 182 -6.29 8.83 2.69
CA ASP A 182 -5.80 7.46 2.89
C ASP A 182 -5.90 7.05 4.35
N SER A 183 -5.57 7.96 5.26
CA SER A 183 -5.64 7.64 6.69
C SER A 183 -7.09 7.44 7.13
N ASP A 184 -8.03 8.23 6.59
CA ASP A 184 -9.43 8.03 6.92
C ASP A 184 -9.85 6.59 6.64
N LEU A 185 -9.43 6.05 5.49
CA LEU A 185 -9.77 4.67 5.16
C LEU A 185 -9.00 3.70 6.05
N LEU A 186 -7.70 3.95 6.28
CA LEU A 186 -6.93 3.09 7.16
C LEU A 186 -7.62 2.92 8.51
N LYS A 187 -8.12 4.01 9.08
CA LYS A 187 -8.76 3.94 10.40
C LYS A 187 -10.10 3.22 10.32
N LEU A 188 -10.95 3.61 9.37
CA LEU A 188 -12.28 3.00 9.26
C LEU A 188 -12.18 1.51 8.94
N ASN A 189 -11.38 1.16 7.93
CA ASN A 189 -11.25 -0.24 7.55
C ASN A 189 -10.61 -1.06 8.67
N GLN A 190 -9.74 -0.45 9.46
CA GLN A 190 -9.20 -1.14 10.63
C GLN A 190 -10.26 -1.32 11.70
N LEU A 191 -11.11 -0.29 11.91
CA LEU A 191 -12.09 -0.33 12.98
C LEU A 191 -13.21 -1.33 12.70
N TYR A 192 -13.50 -1.62 11.42
CA TYR A 192 -14.54 -2.56 11.05
C TYR A 192 -13.97 -3.82 10.39
N ASN A 193 -12.69 -4.11 10.61
CA ASN A 193 -12.04 -5.30 10.07
C ASN A 193 -12.35 -5.49 8.58
N CYS A 194 -12.30 -4.40 7.82
CA CYS A 194 -12.63 -4.50 6.40
C CYS A 194 -11.51 -5.24 5.67
N SER A 195 -11.86 -6.35 5.03
CA SER A 195 -10.92 -7.13 4.24
C SER A 195 -11.00 -6.83 2.76
N SER A 196 -12.19 -6.47 2.26
CA SER A 196 -12.36 -6.09 0.87
C SER A 196 -13.56 -5.16 0.77
N SER A 197 -13.82 -4.68 -0.45
CA SER A 197 -14.94 -3.77 -0.72
C SER A 197 -15.97 -4.47 -1.58
N LEU A 198 -17.09 -3.78 -1.81
CA LEU A 198 -18.14 -4.30 -2.66
C LEU A 198 -17.83 -4.09 -4.14
N SER A 199 -17.34 -2.89 -4.50
CA SER A 199 -17.32 -2.47 -5.89
C SER A 199 -15.96 -2.55 -6.56
N PHE A 200 -14.87 -2.65 -5.81
CA PHE A 200 -13.56 -2.70 -6.42
C PHE A 200 -13.27 -4.09 -6.98
N MET A 201 -12.72 -4.12 -8.20
CA MET A 201 -12.40 -5.38 -8.87
C MET A 201 -10.92 -5.49 -9.19
N ASP A 202 -10.33 -4.51 -9.86
CA ASP A 202 -8.94 -4.65 -10.29
C ASP A 202 -8.35 -3.28 -10.63
N SER A 203 -7.04 -3.16 -10.41
CA SER A 203 -6.26 -1.99 -10.79
C SER A 203 -4.94 -2.48 -11.34
N CYS A 204 -4.62 -2.11 -12.58
CA CYS A 204 -3.44 -2.63 -13.26
C CYS A 204 -2.66 -1.48 -13.89
N SER A 205 -1.42 -1.30 -13.43
CA SER A 205 -0.51 -0.32 -14.00
C SER A 205 0.70 -0.96 -14.68
N PHE A 206 0.76 -2.28 -14.72
CA PHE A 206 1.83 -3.01 -15.43
C PHE A 206 3.21 -2.68 -14.88
N GLU A 207 3.28 -2.27 -13.61
CA GLU A 207 4.56 -1.95 -13.01
C GLU A 207 5.30 -3.18 -12.49
N LEU A 208 4.66 -4.35 -12.46
CA LEU A 208 5.31 -5.61 -12.13
C LEU A 208 5.29 -6.51 -13.36
N GLU A 209 6.32 -7.34 -13.48
CA GLU A 209 6.51 -8.13 -14.70
C GLU A 209 5.41 -9.16 -14.91
N ASN A 210 4.70 -9.55 -13.85
CA ASN A 210 3.58 -10.48 -14.00
C ASN A 210 2.32 -9.79 -14.53
N VAL A 211 2.40 -8.51 -14.87
CA VAL A 211 1.34 -7.73 -15.50
C VAL A 211 -0.05 -8.07 -14.95
N CYS A 212 -0.21 -7.99 -13.63
CA CYS A 212 -1.51 -8.08 -12.97
C CYS A 212 -2.28 -9.35 -13.32
N GLY A 213 -1.59 -10.38 -13.78
CA GLY A 213 -2.26 -11.61 -14.14
C GLY A 213 -2.83 -11.65 -15.55
N MET A 214 -2.56 -10.64 -16.37
CA MET A 214 -3.07 -10.64 -17.74
C MET A 214 -2.35 -11.70 -18.57
N ILE A 215 -3.08 -12.22 -19.56
CA ILE A 215 -2.63 -13.36 -20.36
C ILE A 215 -2.44 -12.90 -21.79
N GLN A 216 -1.38 -13.40 -22.44
CA GLN A 216 -1.15 -13.17 -23.85
C GLN A 216 -1.83 -14.30 -24.63
N SER A 217 -2.64 -13.92 -25.61
CA SER A 217 -3.37 -14.90 -26.39
C SER A 217 -2.49 -15.52 -27.47
N SER A 218 -2.75 -16.80 -27.76
CA SER A 218 -2.05 -17.51 -28.81
C SER A 218 -2.82 -17.54 -30.12
N GLY A 219 -4.14 -17.32 -30.08
CA GLY A 219 -4.94 -17.29 -31.29
C GLY A 219 -5.05 -15.90 -31.89
N ASP A 220 -3.91 -15.30 -32.23
CA ASP A 220 -3.88 -13.98 -32.82
C ASP A 220 -2.61 -13.86 -33.66
N ASN A 221 -2.24 -12.63 -34.02
CA ASN A 221 -1.13 -12.40 -34.93
C ASN A 221 0.08 -11.75 -34.29
N ALA A 222 -0.08 -11.13 -33.12
CA ALA A 222 1.04 -10.45 -32.46
C ALA A 222 0.81 -10.45 -30.95
N ASP A 223 1.83 -10.01 -30.21
CA ASP A 223 1.77 -9.91 -28.76
C ASP A 223 1.90 -8.46 -28.33
N TRP A 224 1.19 -8.11 -27.26
CA TRP A 224 1.45 -6.86 -26.56
C TRP A 224 2.78 -6.96 -25.81
N GLN A 225 3.57 -5.90 -25.87
CA GLN A 225 4.91 -5.88 -25.29
C GLN A 225 4.94 -4.94 -24.09
N ARG A 226 5.48 -5.42 -22.96
CA ARG A 226 5.65 -4.60 -21.77
C ARG A 226 6.89 -3.74 -21.95
N VAL A 227 6.70 -2.43 -22.17
CA VAL A 227 7.79 -1.52 -22.49
C VAL A 227 7.67 -0.27 -21.63
N SER A 228 8.79 0.45 -21.54
CA SER A 228 8.83 1.72 -20.84
C SER A 228 8.88 2.92 -21.77
N GLN A 229 8.99 2.70 -23.08
CA GLN A 229 9.01 3.78 -24.05
C GLN A 229 8.83 3.22 -25.44
N VAL A 230 8.34 4.06 -26.35
CA VAL A 230 8.22 3.72 -27.76
C VAL A 230 8.80 4.86 -28.58
N PRO A 231 9.63 4.59 -29.59
CA PRO A 231 10.26 5.70 -30.33
C PRO A 231 9.31 6.80 -30.79
N ARG A 232 8.22 6.44 -31.49
CA ARG A 232 7.30 7.45 -31.97
C ARG A 232 6.30 7.90 -30.91
N GLY A 233 6.24 7.22 -29.77
CA GLY A 233 5.40 7.65 -28.67
C GLY A 233 4.60 6.51 -28.07
N PRO A 234 4.33 6.58 -26.75
CA PRO A 234 4.77 7.62 -25.82
C PRO A 234 6.20 7.42 -25.34
N GLU A 235 6.87 8.49 -24.92
CA GLU A 235 8.23 8.39 -24.43
C GLU A 235 8.31 7.82 -23.02
N SER A 236 7.21 7.81 -22.29
CA SER A 236 7.15 7.20 -20.96
C SER A 236 5.76 6.66 -20.74
N ASP A 237 5.59 5.92 -19.64
CA ASP A 237 4.29 5.37 -19.29
C ASP A 237 3.40 6.47 -18.73
N HIS A 238 2.17 6.11 -18.40
CA HIS A 238 1.25 7.08 -17.82
C HIS A 238 1.32 7.10 -16.30
N SER A 239 1.66 5.99 -15.65
CA SER A 239 1.70 5.96 -14.19
C SER A 239 2.75 6.94 -13.66
N ASN A 240 4.00 6.76 -14.05
CA ASN A 240 5.09 7.59 -13.56
C ASN A 240 5.45 8.73 -14.50
N MET A 241 5.26 8.54 -15.81
CA MET A 241 5.61 9.56 -16.79
C MET A 241 7.08 9.98 -16.66
N GLY A 242 7.94 8.98 -16.54
CA GLY A 242 9.37 9.21 -16.48
C GLY A 242 9.88 9.80 -15.18
N GLN A 243 9.05 9.84 -14.13
CA GLN A 243 9.50 10.44 -12.88
C GLN A 243 10.57 9.59 -12.22
N CYS A 244 10.43 8.27 -12.29
CA CYS A 244 11.36 7.35 -11.65
C CYS A 244 12.17 6.63 -12.72
N GLN A 245 13.49 6.65 -12.55
CA GLN A 245 14.37 6.02 -13.52
C GLN A 245 14.23 4.51 -13.48
N GLY A 246 14.15 3.89 -14.66
CA GLY A 246 14.00 2.46 -14.76
C GLY A 246 12.65 1.92 -14.35
N SER A 247 11.67 2.79 -14.14
CA SER A 247 10.33 2.38 -13.73
C SER A 247 9.31 3.09 -14.61
N GLY A 248 8.11 2.51 -14.66
CA GLY A 248 7.06 3.05 -15.51
C GLY A 248 6.91 2.26 -16.80
N PHE A 249 6.01 1.27 -16.80
CA PHE A 249 5.82 0.40 -17.95
C PHE A 249 4.37 0.43 -18.39
N PHE A 250 4.18 0.09 -19.67
CA PHE A 250 2.85 0.00 -20.27
C PHE A 250 2.90 -1.09 -21.33
N MET A 251 1.71 -1.53 -21.74
CA MET A 251 1.60 -2.55 -22.78
C MET A 251 1.44 -1.88 -24.14
N HIS A 252 2.24 -2.32 -25.11
CA HIS A 252 2.27 -1.70 -26.42
C HIS A 252 1.99 -2.73 -27.50
N PHE A 253 1.14 -2.34 -28.45
CA PHE A 253 0.83 -3.14 -29.64
C PHE A 253 1.45 -2.45 -30.86
N ASP A 254 2.52 -3.04 -31.39
CA ASP A 254 3.25 -2.43 -32.50
C ASP A 254 2.51 -2.70 -33.80
N SER A 255 1.76 -1.70 -34.27
CA SER A 255 1.05 -1.81 -35.54
C SER A 255 1.94 -1.53 -36.75
N SER A 256 3.14 -0.98 -36.54
CA SER A 256 3.99 -0.62 -37.66
C SER A 256 4.52 -1.85 -38.38
N SER A 257 4.72 -2.96 -37.67
CA SER A 257 5.37 -4.15 -38.21
C SER A 257 4.42 -5.32 -38.37
N VAL A 258 3.14 -5.05 -38.59
CA VAL A 258 2.15 -6.11 -38.82
C VAL A 258 1.30 -5.74 -40.03
N ASN A 259 0.61 -6.74 -40.56
CA ASN A 259 -0.21 -6.55 -41.74
C ASN A 259 -1.55 -5.92 -41.39
N VAL A 260 -2.25 -5.44 -42.42
CA VAL A 260 -3.57 -4.87 -42.22
C VAL A 260 -4.48 -5.94 -41.61
N GLY A 261 -5.27 -5.55 -40.61
CA GLY A 261 -6.19 -6.46 -39.96
C GLY A 261 -5.57 -7.34 -38.89
N ALA A 262 -4.24 -7.34 -38.74
CA ALA A 262 -3.60 -8.15 -37.73
C ALA A 262 -3.98 -7.67 -36.33
N THR A 263 -4.00 -8.60 -35.39
CA THR A 263 -4.47 -8.31 -34.03
C THR A 263 -3.50 -8.87 -33.00
N ALA A 264 -3.42 -8.15 -31.87
CA ALA A 264 -2.76 -8.63 -30.67
C ALA A 264 -3.78 -8.55 -29.53
N VAL A 265 -3.97 -9.67 -28.84
CA VAL A 265 -5.02 -9.78 -27.83
C VAL A 265 -4.38 -9.95 -26.46
N LEU A 266 -4.82 -9.15 -25.50
CA LEU A 266 -4.41 -9.25 -24.10
C LEU A 266 -5.67 -9.47 -23.28
N GLU A 267 -5.72 -10.59 -22.55
CA GLU A 267 -6.88 -10.96 -21.75
C GLU A 267 -6.56 -10.84 -20.27
N SER A 268 -7.51 -10.33 -19.51
CA SER A 268 -7.35 -10.15 -18.07
C SER A 268 -7.55 -11.47 -17.33
N ARG A 269 -7.24 -11.46 -16.04
CA ARG A 269 -7.50 -12.61 -15.21
C ARG A 269 -9.00 -12.78 -14.99
N THR A 270 -9.37 -13.95 -14.47
CA THR A 270 -10.77 -14.23 -14.20
C THR A 270 -11.30 -13.33 -13.10
N LEU A 271 -12.49 -12.80 -13.29
CA LEU A 271 -13.11 -11.86 -12.37
C LEU A 271 -14.52 -12.33 -12.02
N TYR A 272 -14.93 -12.06 -10.78
CA TYR A 272 -16.21 -12.52 -10.25
C TYR A 272 -17.07 -11.33 -9.85
N PRO A 273 -18.09 -10.97 -10.63
CA PRO A 273 -18.87 -9.78 -10.31
C PRO A 273 -19.87 -10.02 -9.19
N LYS A 274 -20.22 -8.92 -8.51
CA LYS A 274 -21.14 -8.95 -7.39
C LYS A 274 -22.39 -8.11 -7.60
N ARG A 275 -22.39 -7.16 -8.54
CA ARG A 275 -23.44 -6.17 -8.65
C ARG A 275 -24.21 -6.21 -9.96
N GLY A 276 -23.60 -6.68 -11.05
CA GLY A 276 -24.26 -6.72 -12.34
C GLY A 276 -24.00 -5.54 -13.25
N PHE A 277 -23.20 -4.57 -12.81
CA PHE A 277 -22.80 -3.48 -13.67
C PHE A 277 -21.38 -3.07 -13.29
N GLN A 278 -20.56 -2.79 -14.30
CA GLN A 278 -19.15 -2.48 -14.06
C GLN A 278 -18.73 -1.35 -15.00
N CYS A 279 -17.64 -0.68 -14.62
CA CYS A 279 -17.04 0.38 -15.43
C CYS A 279 -15.58 0.06 -15.64
N LEU A 280 -15.19 -0.12 -16.90
CA LEU A 280 -13.80 -0.35 -17.28
C LEU A 280 -13.21 0.95 -17.79
N GLN A 281 -12.10 1.38 -17.19
CA GLN A 281 -11.42 2.59 -17.61
C GLN A 281 -9.93 2.32 -17.77
N PHE A 282 -9.30 3.13 -18.61
CA PHE A 282 -7.89 2.96 -18.96
C PHE A 282 -7.46 4.15 -19.80
N TYR A 283 -6.15 4.35 -19.88
CA TYR A 283 -5.54 5.41 -20.68
C TYR A 283 -4.92 4.81 -21.93
N LEU A 284 -5.14 5.48 -23.06
CA LEU A 284 -4.61 5.03 -24.35
C LEU A 284 -3.71 6.09 -24.95
N TYR A 285 -2.68 5.61 -25.65
CA TYR A 285 -1.79 6.44 -26.45
C TYR A 285 -1.70 5.83 -27.84
N ASN A 286 -1.82 6.66 -28.87
CA ASN A 286 -1.78 6.21 -30.25
C ASN A 286 -0.67 6.95 -30.98
N SER A 287 0.40 6.23 -31.31
CA SER A 287 1.46 6.75 -32.15
C SER A 287 1.46 6.10 -33.54
N GLY A 288 0.43 5.29 -33.83
CA GLY A 288 0.31 4.63 -35.11
C GLY A 288 -0.62 5.36 -36.07
N SER A 289 -1.55 4.62 -36.68
CA SER A 289 -2.44 5.18 -37.69
C SER A 289 -3.79 5.54 -37.07
N GLU A 290 -4.49 6.45 -37.73
CA GLU A 290 -5.83 6.83 -37.32
C GLU A 290 -6.85 5.73 -37.63
N SER A 291 -6.49 4.75 -38.47
CA SER A 291 -7.36 3.63 -38.76
C SER A 291 -7.23 2.49 -37.76
N ASP A 292 -6.16 2.47 -36.97
CA ASP A 292 -6.02 1.47 -35.93
C ASP A 292 -7.10 1.64 -34.88
N GLN A 293 -7.59 0.52 -34.35
CA GLN A 293 -8.66 0.55 -33.36
C GLN A 293 -8.34 -0.43 -32.24
N LEU A 294 -8.93 -0.16 -31.09
CA LEU A 294 -8.86 -1.07 -29.94
C LEU A 294 -10.26 -1.58 -29.66
N ASN A 295 -10.41 -2.91 -29.67
CA ASN A 295 -11.70 -3.54 -29.42
C ASN A 295 -11.67 -4.20 -28.04
N ILE A 296 -12.72 -3.96 -27.26
CA ILE A 296 -12.89 -4.56 -25.94
C ILE A 296 -13.97 -5.61 -26.05
N TYR A 297 -13.67 -6.83 -25.59
CA TYR A 297 -14.63 -7.90 -25.47
C TYR A 297 -14.73 -8.33 -24.02
N ILE A 298 -15.79 -9.09 -23.74
CA ILE A 298 -15.98 -9.76 -22.45
C ILE A 298 -16.09 -11.25 -22.73
N ARG A 299 -15.25 -12.02 -22.04
CA ARG A 299 -15.29 -13.48 -22.14
C ARG A 299 -16.04 -13.97 -20.92
N GLU A 300 -17.31 -14.34 -21.13
CA GLU A 300 -18.18 -14.81 -20.06
C GLU A 300 -18.14 -16.34 -20.04
N TYR A 301 -18.11 -16.91 -18.85
CA TYR A 301 -18.03 -18.35 -18.66
C TYR A 301 -19.37 -18.89 -18.20
N SER A 302 -19.75 -20.04 -18.74
CA SER A 302 -21.03 -20.67 -18.44
C SER A 302 -20.90 -22.18 -18.63
N ALA A 303 -21.94 -22.89 -18.17
CA ALA A 303 -22.01 -24.33 -18.38
C ALA A 303 -22.12 -24.68 -19.87
N ASP A 304 -22.62 -23.76 -20.70
CA ASP A 304 -22.77 -24.03 -22.12
C ASP A 304 -21.43 -24.02 -22.84
N ASN A 305 -20.59 -23.02 -22.56
CA ASN A 305 -19.27 -22.91 -23.17
C ASN A 305 -18.26 -22.73 -22.04
N VAL A 306 -17.72 -23.86 -21.56
CA VAL A 306 -16.72 -23.83 -20.51
C VAL A 306 -15.46 -23.11 -20.99
N ASP A 307 -15.23 -23.07 -22.31
CA ASP A 307 -14.12 -22.30 -22.86
C ASP A 307 -14.41 -20.80 -22.85
N GLY A 308 -15.68 -20.40 -22.83
CA GLY A 308 -16.03 -19.00 -22.76
C GLY A 308 -16.41 -18.41 -24.10
N ASN A 309 -17.50 -17.65 -24.15
CA ASN A 309 -17.98 -17.03 -25.37
C ASN A 309 -17.68 -15.54 -25.33
N LEU A 310 -17.12 -15.01 -26.40
CA LEU A 310 -16.72 -13.61 -26.46
C LEU A 310 -17.88 -12.75 -26.93
N THR A 311 -17.97 -11.54 -26.40
CA THR A 311 -18.99 -10.58 -26.81
C THR A 311 -18.32 -9.21 -26.95
N LEU A 312 -18.42 -8.63 -28.15
CA LEU A 312 -17.89 -7.30 -28.37
C LEU A 312 -18.74 -6.28 -27.61
N VAL A 313 -18.09 -5.44 -26.81
CA VAL A 313 -18.79 -4.43 -26.04
C VAL A 313 -18.50 -3.02 -26.53
N GLU A 314 -17.36 -2.78 -27.17
CA GLU A 314 -17.06 -1.44 -27.66
C GLU A 314 -15.93 -1.50 -28.67
N GLU A 315 -16.04 -0.69 -29.71
CA GLU A 315 -14.99 -0.48 -30.70
C GLU A 315 -14.47 0.94 -30.55
N ILE A 316 -13.18 1.07 -30.24
CA ILE A 316 -12.54 2.37 -30.05
C ILE A 316 -11.76 2.69 -31.31
N LYS A 317 -12.26 3.64 -32.10
CA LYS A 317 -11.67 4.00 -33.38
C LYS A 317 -11.24 5.46 -33.38
N GLU A 318 -10.41 5.79 -34.36
CA GLU A 318 -9.96 7.17 -34.58
C GLU A 318 -9.47 7.78 -33.27
N ILE A 319 -8.42 7.18 -32.73
CA ILE A 319 -7.87 7.58 -31.44
C ILE A 319 -6.93 8.76 -31.68
N PRO A 320 -7.15 9.92 -31.07
CA PRO A 320 -6.22 11.03 -31.28
C PRO A 320 -4.79 10.60 -30.97
N THR A 321 -3.87 11.03 -31.82
CA THR A 321 -2.46 10.67 -31.67
C THR A 321 -1.71 11.76 -30.92
N GLY A 322 -0.69 11.35 -30.17
CA GLY A 322 0.23 12.27 -29.54
C GLY A 322 -0.02 12.57 -28.09
N SER A 323 -1.04 11.98 -27.47
CA SER A 323 -1.30 12.23 -26.06
C SER A 323 -2.11 11.10 -25.46
N TRP A 324 -1.91 10.87 -24.16
CA TRP A 324 -2.68 9.87 -23.44
C TRP A 324 -4.15 10.27 -23.37
N GLN A 325 -5.03 9.30 -23.64
CA GLN A 325 -6.47 9.53 -23.70
C GLN A 325 -7.18 8.60 -22.73
N LEU A 326 -8.04 9.17 -21.88
CA LEU A 326 -8.82 8.38 -20.95
C LEU A 326 -10.10 7.88 -21.60
N TYR A 327 -10.43 6.62 -21.35
CA TYR A 327 -11.63 6.00 -21.88
C TYR A 327 -12.40 5.33 -20.75
N HIS A 328 -13.72 5.29 -20.90
CA HIS A 328 -14.62 4.55 -20.02
C HIS A 328 -15.48 3.64 -20.86
N VAL A 329 -15.62 2.39 -20.44
CA VAL A 329 -16.43 1.40 -21.14
C VAL A 329 -17.41 0.80 -20.14
N THR A 330 -18.70 0.87 -20.47
CA THR A 330 -19.73 0.36 -19.59
C THR A 330 -19.92 -1.13 -19.83
N LEU A 331 -20.05 -1.89 -18.74
CA LEU A 331 -20.22 -3.33 -18.81
C LEU A 331 -21.43 -3.73 -17.97
N LYS A 332 -21.95 -4.92 -18.27
CA LYS A 332 -23.14 -5.44 -17.61
C LYS A 332 -22.99 -6.95 -17.46
N VAL A 333 -21.95 -7.38 -16.75
CA VAL A 333 -21.63 -8.79 -16.61
C VAL A 333 -22.16 -9.31 -15.28
N THR A 334 -22.73 -10.51 -15.30
CA THR A 334 -23.27 -11.14 -14.11
C THR A 334 -22.65 -12.49 -13.80
N LYS A 335 -21.85 -13.04 -14.70
CA LYS A 335 -21.15 -14.30 -14.48
C LYS A 335 -19.65 -14.03 -14.50
N LYS A 336 -18.87 -14.99 -14.01
CA LYS A 336 -17.42 -14.81 -13.99
C LYS A 336 -16.92 -14.63 -15.42
N PHE A 337 -15.92 -13.75 -15.58
CA PHE A 337 -15.56 -13.27 -16.90
C PHE A 337 -14.13 -12.77 -16.91
N ARG A 338 -13.66 -12.45 -18.12
CA ARG A 338 -12.41 -11.74 -18.33
C ARG A 338 -12.67 -10.53 -19.20
N VAL A 339 -11.76 -9.57 -19.14
CA VAL A 339 -11.76 -8.43 -20.04
C VAL A 339 -10.72 -8.69 -21.12
N VAL A 340 -11.07 -8.40 -22.37
CA VAL A 340 -10.24 -8.76 -23.52
C VAL A 340 -9.93 -7.48 -24.29
N PHE A 341 -8.64 -7.20 -24.46
CA PHE A 341 -8.17 -6.05 -25.23
C PHE A 341 -7.61 -6.54 -26.55
N GLU A 342 -8.26 -6.16 -27.65
CA GLU A 342 -7.84 -6.53 -28.99
C GLU A 342 -7.41 -5.28 -29.74
N GLY A 343 -6.12 -5.13 -29.98
CA GLY A 343 -5.61 -4.09 -30.84
C GLY A 343 -5.55 -4.54 -32.28
N ARG A 344 -6.24 -3.84 -33.18
CA ARG A 344 -6.32 -4.21 -34.59
C ARG A 344 -5.72 -3.12 -35.45
N LYS A 345 -4.81 -3.49 -36.35
CA LYS A 345 -4.23 -2.55 -37.29
C LYS A 345 -5.21 -2.28 -38.42
N GLY A 346 -5.36 -1.01 -38.78
CA GLY A 346 -6.19 -0.61 -39.89
C GLY A 346 -5.41 -0.60 -41.20
N SER A 347 -6.04 -0.05 -42.22
CA SER A 347 -5.43 0.01 -43.56
C SER A 347 -4.36 1.07 -43.68
N GLY A 348 -4.39 2.10 -42.83
CA GLY A 348 -3.42 3.17 -42.93
C GLY A 348 -2.02 2.73 -42.52
N ALA A 349 -1.05 3.52 -42.97
CA ALA A 349 0.34 3.26 -42.65
C ALA A 349 0.64 3.70 -41.23
N SER A 350 1.44 2.91 -40.51
CA SER A 350 1.73 3.16 -39.10
C SER A 350 3.22 3.06 -38.85
N LEU A 351 3.73 4.01 -38.05
CA LEU A 351 5.10 4.00 -37.58
C LEU A 351 5.19 3.85 -36.07
N GLY A 352 4.07 3.64 -35.39
CA GLY A 352 4.05 3.43 -33.95
C GLY A 352 3.12 2.30 -33.55
N GLY A 353 2.25 2.56 -32.59
CA GLY A 353 1.31 1.54 -32.15
C GLY A 353 0.37 2.05 -31.09
N LEU A 354 -0.38 1.13 -30.51
CA LEU A 354 -1.35 1.44 -29.45
C LEU A 354 -0.75 1.09 -28.10
N SER A 355 -0.88 2.01 -27.15
CA SER A 355 -0.39 1.81 -25.79
C SER A 355 -1.56 1.94 -24.82
N ILE A 356 -1.55 1.09 -23.79
CA ILE A 356 -2.58 1.08 -22.76
C ILE A 356 -1.89 1.08 -21.41
N ASP A 357 -2.47 1.82 -20.46
CA ASP A 357 -1.86 1.93 -19.14
C ASP A 357 -2.93 2.36 -18.14
N ASP A 358 -2.61 2.16 -16.86
CA ASP A 358 -3.46 2.59 -15.75
C ASP A 358 -4.91 2.15 -15.94
N ILE A 359 -5.10 0.85 -16.02
CA ILE A 359 -6.43 0.27 -16.13
C ILE A 359 -7.04 0.16 -14.74
N ASN A 360 -8.35 0.44 -14.66
CA ASN A 360 -9.10 0.22 -13.43
C ASN A 360 -10.45 -0.36 -13.80
N LEU A 361 -10.94 -1.27 -12.95
CA LEU A 361 -12.23 -1.90 -13.15
C LEU A 361 -12.96 -1.93 -11.81
N SER A 362 -14.17 -1.39 -11.78
CA SER A 362 -14.98 -1.34 -10.57
C SER A 362 -16.44 -1.54 -10.92
N GLU A 363 -17.18 -2.14 -10.00
CA GLU A 363 -18.61 -2.36 -10.18
C GLU A 363 -19.35 -1.06 -9.84
N THR A 364 -19.14 -0.07 -10.71
CA THR A 364 -19.68 1.27 -10.54
C THR A 364 -20.25 1.75 -11.87
N ARG A 365 -21.02 2.82 -11.80
CA ARG A 365 -21.55 3.44 -13.01
C ARG A 365 -20.46 4.29 -13.67
N CYS A 366 -20.26 4.09 -14.97
CA CYS A 366 -19.38 4.97 -15.70
C CYS A 366 -19.96 6.37 -15.75
N PRO A 367 -19.12 7.39 -15.93
CA PRO A 367 -19.65 8.72 -16.23
C PRO A 367 -20.19 8.76 -17.65
N HIS A 368 -21.26 9.55 -17.83
CA HIS A 368 -21.91 9.61 -19.14
C HIS A 368 -21.03 10.32 -20.17
N HIS A 369 -20.32 11.36 -19.75
CA HIS A 369 -19.47 12.12 -20.67
C HIS A 369 -18.20 12.52 -19.94
N ILE A 370 -17.16 12.83 -20.74
CA ILE A 370 -15.86 13.24 -20.22
C ILE A 370 -15.41 14.47 -20.99
N TRP A 371 -14.91 15.46 -20.26
CA TRP A 371 -14.34 16.67 -20.83
C TRP A 371 -12.84 16.65 -20.60
N HIS A 372 -12.07 16.58 -21.68
CA HIS A 372 -10.62 16.47 -21.62
C HIS A 372 -10.02 17.82 -21.99
N ILE A 373 -9.33 18.45 -21.03
CA ILE A 373 -8.70 19.75 -21.22
C ILE A 373 -7.21 19.54 -21.35
N ARG A 374 -6.66 19.89 -22.51
CA ARG A 374 -5.23 19.82 -22.78
C ARG A 374 -4.57 21.13 -22.37
N ASN A 375 -3.27 21.05 -22.07
CA ASN A 375 -2.46 22.22 -21.74
C ASN A 375 -3.18 23.09 -20.72
N PHE A 376 -3.41 22.49 -19.54
CA PHE A 376 -4.35 23.06 -18.57
C PHE A 376 -3.70 24.11 -17.68
N THR A 377 -2.42 23.94 -17.33
CA THR A 377 -1.83 24.78 -16.30
C THR A 377 -1.81 26.25 -16.68
N GLN A 378 -1.69 26.56 -17.97
CA GLN A 378 -1.61 27.95 -18.41
C GLN A 378 -2.83 28.76 -18.01
N PHE A 379 -3.98 28.10 -17.81
CA PHE A 379 -5.22 28.81 -17.53
C PHE A 379 -5.45 29.07 -16.05
N ILE A 380 -4.62 28.54 -15.16
CA ILE A 380 -4.85 28.70 -13.73
C ILE A 380 -4.55 30.14 -13.33
N GLY A 381 -5.56 30.82 -12.79
CA GLY A 381 -5.40 32.20 -12.37
C GLY A 381 -5.22 33.19 -13.49
N SER A 382 -5.53 32.81 -14.72
CA SER A 382 -5.33 33.65 -15.88
C SER A 382 -6.63 34.30 -16.31
N PRO A 383 -6.59 35.53 -16.83
CA PRO A 383 -7.84 36.14 -17.32
C PRO A 383 -8.49 35.33 -18.44
N ASN A 384 -7.71 34.65 -19.26
CA ASN A 384 -8.25 33.81 -20.33
C ASN A 384 -8.62 32.41 -19.85
N GLY A 385 -8.72 32.20 -18.54
CA GLY A 385 -9.05 30.89 -18.01
C GLY A 385 -10.55 30.67 -17.87
N THR A 386 -11.30 31.00 -18.92
CA THR A 386 -12.74 30.81 -18.97
C THR A 386 -13.04 29.73 -20.02
N LEU A 387 -13.21 28.49 -19.56
CA LEU A 387 -13.25 27.34 -20.44
C LEU A 387 -14.66 26.78 -20.55
N TYR A 388 -15.03 26.38 -21.76
CA TYR A 388 -16.33 25.79 -22.05
C TYR A 388 -16.13 24.42 -22.68
N SER A 389 -16.85 23.42 -22.16
CA SER A 389 -16.73 22.07 -22.67
C SER A 389 -17.37 21.97 -24.05
N PRO A 390 -17.19 20.84 -24.73
CA PRO A 390 -18.00 20.55 -25.90
C PRO A 390 -19.45 20.38 -25.48
N PRO A 391 -20.39 20.47 -26.42
CA PRO A 391 -21.79 20.21 -26.06
C PRO A 391 -22.00 18.71 -25.85
N PHE A 392 -22.83 18.40 -24.85
CA PHE A 392 -23.18 17.03 -24.55
C PHE A 392 -24.70 16.92 -24.47
N TYR A 393 -25.19 15.71 -24.66
CA TYR A 393 -26.61 15.39 -24.51
C TYR A 393 -26.80 14.48 -23.31
N SER A 394 -27.66 14.88 -22.38
CA SER A 394 -27.98 14.02 -21.27
C SER A 394 -28.79 12.82 -21.77
N SER A 395 -28.99 11.84 -20.88
CA SER A 395 -29.70 10.63 -21.26
C SER A 395 -31.14 10.91 -21.65
N LYS A 396 -31.76 11.94 -21.07
CA LYS A 396 -33.13 12.28 -21.38
C LYS A 396 -33.25 13.19 -22.61
N GLY A 397 -32.14 13.65 -23.17
CA GLY A 397 -32.16 14.42 -24.40
C GLY A 397 -31.78 15.88 -24.25
N TYR A 398 -31.59 16.37 -23.02
CA TYR A 398 -31.24 17.77 -22.83
C TYR A 398 -29.79 18.01 -23.23
N ALA A 399 -29.57 19.04 -24.04
CA ALA A 399 -28.22 19.47 -24.37
C ALA A 399 -27.68 20.36 -23.26
N PHE A 400 -26.42 20.13 -22.89
CA PHE A 400 -25.83 20.90 -21.80
C PHE A 400 -24.36 21.18 -22.11
N GLN A 401 -23.81 22.11 -21.35
CA GLN A 401 -22.43 22.55 -21.49
C GLN A 401 -21.90 22.91 -20.12
N ILE A 402 -20.60 22.69 -19.92
CA ILE A 402 -19.95 22.95 -18.64
C ILE A 402 -19.05 24.16 -18.78
N TYR A 403 -19.08 25.03 -17.78
CA TYR A 403 -18.26 26.23 -17.74
C TYR A 403 -17.32 26.15 -16.54
N LEU A 404 -16.03 26.17 -16.80
CA LEU A 404 -15.00 26.15 -15.76
C LEU A 404 -14.25 27.47 -15.79
N ASN A 405 -14.32 28.22 -14.69
CA ASN A 405 -13.70 29.54 -14.58
C ASN A 405 -12.51 29.44 -13.64
N LEU A 406 -11.30 29.64 -14.19
CA LEU A 406 -10.07 29.60 -13.41
C LEU A 406 -9.46 30.98 -13.20
N ALA A 407 -10.20 32.04 -13.56
CA ALA A 407 -9.61 33.38 -13.57
C ALA A 407 -9.43 33.94 -12.17
N HIS A 408 -10.24 33.51 -11.21
CA HIS A 408 -10.13 34.02 -9.85
C HIS A 408 -8.78 33.63 -9.25
N VAL A 409 -8.35 34.41 -8.25
CA VAL A 409 -6.98 34.30 -7.76
C VAL A 409 -6.77 33.05 -6.90
N THR A 410 -7.77 32.63 -6.13
CA THR A 410 -7.64 31.49 -5.23
C THR A 410 -8.55 30.32 -5.57
N ASN A 411 -9.75 30.57 -6.10
CA ASN A 411 -10.76 29.54 -6.28
C ASN A 411 -11.07 29.31 -7.75
N ALA A 412 -11.32 28.06 -8.09
CA ALA A 412 -11.85 27.69 -9.40
C ALA A 412 -13.35 27.45 -9.27
N GLY A 413 -14.11 27.95 -10.25
CA GLY A 413 -15.55 27.79 -10.27
C GLY A 413 -15.99 26.93 -11.44
N ILE A 414 -17.09 26.19 -11.24
CA ILE A 414 -17.64 25.33 -12.27
C ILE A 414 -19.14 25.52 -12.29
N TYR A 415 -19.73 25.50 -13.50
CA TYR A 415 -21.14 25.79 -13.67
C TYR A 415 -21.74 24.90 -14.75
N PHE A 416 -22.98 24.49 -14.55
CA PHE A 416 -23.72 23.63 -15.48
C PHE A 416 -24.68 24.50 -16.28
N HIS A 417 -24.57 24.43 -17.60
CA HIS A 417 -25.42 25.19 -18.52
C HIS A 417 -26.26 24.23 -19.35
N LEU A 418 -27.56 24.49 -19.45
CA LEU A 418 -28.36 23.93 -20.52
C LEU A 418 -28.17 24.76 -21.77
N ILE A 419 -28.14 24.10 -22.92
CA ILE A 419 -27.95 24.76 -24.20
C ILE A 419 -28.99 24.24 -25.18
N SER A 420 -29.16 24.96 -26.28
CA SER A 420 -30.16 24.56 -27.27
C SER A 420 -29.74 23.26 -27.93
N GLY A 421 -30.72 22.36 -28.10
CA GLY A 421 -30.45 21.03 -28.60
C GLY A 421 -31.53 20.56 -29.55
N ALA A 422 -31.30 19.39 -30.14
CA ALA A 422 -32.13 18.90 -31.23
C ALA A 422 -33.45 18.29 -30.75
N ASN A 423 -33.61 18.03 -29.46
CA ASN A 423 -34.83 17.45 -28.93
C ASN A 423 -35.67 18.46 -28.17
N ASP A 424 -35.29 19.73 -28.18
CA ASP A 424 -35.95 20.72 -27.31
C ASP A 424 -37.44 20.83 -27.59
N ASP A 425 -37.87 20.59 -28.83
CA ASP A 425 -39.31 20.67 -29.14
C ASP A 425 -40.10 19.66 -28.33
N GLN A 426 -39.53 18.50 -28.03
CA GLN A 426 -40.23 17.43 -27.34
C GLN A 426 -39.81 17.26 -25.90
N LEU A 427 -38.98 18.16 -25.37
CA LEU A 427 -38.51 18.02 -24.00
C LEU A 427 -39.41 18.79 -23.04
N GLN A 428 -39.44 18.34 -21.79
CA GLN A 428 -40.21 19.02 -20.75
C GLN A 428 -39.46 20.26 -20.29
N TRP A 429 -40.13 21.41 -20.34
CA TRP A 429 -39.58 22.66 -19.89
C TRP A 429 -40.51 23.30 -18.87
N PRO A 430 -39.99 23.93 -17.81
CA PRO A 430 -38.57 24.01 -17.43
C PRO A 430 -38.00 22.66 -17.02
N CYS A 431 -36.69 22.48 -17.22
CA CYS A 431 -35.99 21.22 -16.97
C CYS A 431 -36.28 20.70 -15.57
N PRO A 432 -37.01 19.58 -15.43
CA PRO A 432 -37.43 19.15 -14.09
C PRO A 432 -36.55 18.06 -13.46
N TRP A 433 -35.85 18.40 -12.38
CA TRP A 433 -35.20 17.43 -11.51
C TRP A 433 -34.19 16.57 -12.26
N GLN A 434 -33.28 17.22 -12.98
CA GLN A 434 -32.14 16.57 -13.59
C GLN A 434 -30.90 16.90 -12.77
N GLN A 435 -30.27 15.87 -12.19
CA GLN A 435 -29.10 16.07 -11.36
C GLN A 435 -27.83 15.99 -12.21
N ALA A 436 -27.06 17.07 -12.24
CA ALA A 436 -25.79 17.12 -12.94
C ALA A 436 -24.66 16.95 -11.95
N THR A 437 -23.82 15.93 -12.17
CA THR A 437 -22.68 15.64 -11.31
C THR A 437 -21.41 15.96 -12.08
N MET A 438 -20.58 16.85 -11.53
CA MET A 438 -19.34 17.29 -12.14
C MET A 438 -18.19 16.90 -11.25
N THR A 439 -17.25 16.11 -11.80
CA THR A 439 -16.17 15.53 -11.01
C THR A 439 -14.82 15.84 -11.64
N LEU A 440 -13.97 16.55 -10.90
CA LEU A 440 -12.59 16.76 -11.31
C LEU A 440 -11.80 15.52 -10.91
N LEU A 441 -11.31 14.78 -11.91
CA LEU A 441 -10.70 13.48 -11.65
C LEU A 441 -9.31 13.64 -11.04
N ASP A 442 -9.10 12.99 -9.90
CA ASP A 442 -7.76 12.82 -9.34
C ASP A 442 -7.13 11.63 -10.03
N GLN A 443 -6.26 11.90 -11.02
CA GLN A 443 -5.80 10.86 -11.93
C GLN A 443 -4.73 9.99 -11.32
N ASN A 444 -4.97 9.48 -10.12
CA ASN A 444 -4.07 8.50 -9.53
C ASN A 444 -4.18 7.20 -10.33
N PRO A 445 -3.05 6.53 -10.59
CA PRO A 445 -3.13 5.24 -11.30
C PRO A 445 -4.12 4.26 -10.65
N ASP A 446 -4.18 4.23 -9.34
CA ASP A 446 -5.06 3.32 -8.60
C ASP A 446 -6.34 4.07 -8.25
N ILE A 447 -7.48 3.54 -8.73
CA ILE A 447 -8.77 4.16 -8.43
C ILE A 447 -9.00 4.21 -6.93
N ARG A 448 -8.44 3.26 -6.19
CA ARG A 448 -8.67 3.20 -4.74
C ARG A 448 -8.01 4.35 -3.99
N GLN A 449 -7.03 5.02 -4.60
CA GLN A 449 -6.33 6.12 -3.95
C GLN A 449 -6.68 7.47 -4.57
N ARG A 450 -7.84 7.58 -5.20
CA ARG A 450 -8.24 8.82 -5.85
C ARG A 450 -9.10 9.65 -4.92
N MET A 451 -8.80 10.94 -4.84
CA MET A 451 -9.60 11.88 -4.07
C MET A 451 -10.27 12.89 -5.00
N SER A 452 -11.10 12.40 -5.91
CA SER A 452 -11.72 13.26 -6.92
C SER A 452 -12.69 14.24 -6.29
N ASN A 453 -12.72 15.45 -6.83
CA ASN A 453 -13.52 16.55 -6.30
C ASN A 453 -14.81 16.65 -7.10
N GLN A 454 -15.95 16.41 -6.43
CA GLN A 454 -17.22 16.22 -7.10
C GLN A 454 -18.28 17.14 -6.50
N ARG A 455 -19.00 17.85 -7.38
CA ARG A 455 -20.14 18.68 -6.98
C ARG A 455 -21.33 18.35 -7.87
N SER A 456 -22.53 18.37 -7.28
CA SER A 456 -23.75 18.04 -7.98
C SER A 456 -24.77 19.14 -7.78
N ILE A 457 -25.56 19.41 -8.83
CA ILE A 457 -26.70 20.30 -8.76
C ILE A 457 -27.87 19.62 -9.43
N THR A 458 -29.07 20.00 -9.02
CA THR A 458 -30.31 19.47 -9.59
C THR A 458 -31.15 20.64 -10.09
N THR A 459 -31.67 20.51 -11.30
CA THR A 459 -32.47 21.56 -11.90
C THR A 459 -33.83 21.65 -11.20
N ASP A 460 -34.12 22.81 -10.63
CA ASP A 460 -35.41 23.07 -10.01
C ASP A 460 -36.28 23.78 -11.02
N PRO A 461 -37.36 23.17 -11.52
CA PRO A 461 -38.16 23.81 -12.58
C PRO A 461 -38.93 25.03 -12.10
N PHE A 462 -38.95 25.31 -10.80
CA PHE A 462 -39.63 26.48 -10.27
C PHE A 462 -38.68 27.65 -10.02
N MET A 463 -37.37 27.42 -10.09
CA MET A 463 -36.40 28.50 -9.91
C MET A 463 -36.57 29.54 -11.00
N THR A 464 -36.60 30.80 -10.59
CA THR A 464 -36.82 31.91 -11.52
C THR A 464 -35.65 32.88 -11.48
N THR A 465 -35.59 33.74 -12.48
CA THR A 465 -34.60 34.79 -12.57
C THR A 465 -35.23 36.14 -12.22
N ASP A 466 -34.39 37.18 -12.18
CA ASP A 466 -34.85 38.48 -11.73
C ASP A 466 -35.94 39.05 -12.64
N ASN A 467 -35.92 38.72 -13.93
CA ASN A 467 -36.88 39.26 -14.88
C ASN A 467 -38.13 38.38 -15.03
N GLY A 468 -38.32 37.40 -14.14
CA GLY A 468 -39.52 36.60 -14.14
C GLY A 468 -39.43 35.29 -14.91
N ASN A 469 -38.39 35.09 -15.72
CA ASN A 469 -38.24 33.86 -16.44
C ASN A 469 -37.87 32.71 -15.50
N TYR A 470 -38.19 31.50 -15.92
CA TYR A 470 -37.72 30.31 -15.22
C TYR A 470 -36.26 30.05 -15.57
N PHE A 471 -35.44 29.81 -14.55
CA PHE A 471 -34.01 29.68 -14.75
C PHE A 471 -33.68 28.54 -15.72
N TRP A 472 -34.30 27.39 -15.52
CA TRP A 472 -34.02 26.21 -16.33
C TRP A 472 -34.99 26.05 -17.50
N ASP A 473 -35.51 27.16 -18.04
CA ASP A 473 -36.43 27.08 -19.15
C ASP A 473 -35.66 26.81 -20.45
N ARG A 474 -36.41 26.61 -21.53
CA ARG A 474 -35.82 26.30 -22.83
C ARG A 474 -34.78 27.38 -23.18
N PRO A 475 -33.54 27.00 -23.47
CA PRO A 475 -32.52 28.02 -23.77
C PRO A 475 -32.89 28.96 -24.90
N SER A 476 -33.69 28.51 -25.88
CA SER A 476 -34.09 29.42 -26.95
C SER A 476 -34.93 30.57 -26.42
N LYS A 477 -35.68 30.32 -25.35
CA LYS A 477 -36.54 31.35 -24.77
C LYS A 477 -35.79 32.27 -23.82
N VAL A 478 -34.96 31.71 -22.94
CA VAL A 478 -34.37 32.46 -21.84
C VAL A 478 -32.86 32.59 -21.93
N GLY A 479 -32.21 31.91 -22.89
CA GLY A 479 -30.76 31.89 -22.95
C GLY A 479 -30.19 33.06 -23.73
N THR A 480 -28.88 33.20 -23.62
CA THR A 480 -28.12 34.19 -24.37
C THR A 480 -27.52 33.55 -25.62
N VAL A 481 -27.09 34.40 -26.55
CA VAL A 481 -26.50 33.93 -27.80
C VAL A 481 -25.04 33.57 -27.56
N ALA A 482 -24.63 32.43 -28.11
CA ALA A 482 -23.25 31.98 -28.00
C ALA A 482 -22.86 31.26 -29.29
N LEU A 483 -21.55 31.18 -29.51
CA LEU A 483 -21.00 30.56 -30.71
C LEU A 483 -20.15 29.36 -30.31
N PHE A 484 -20.41 28.22 -30.94
CA PHE A 484 -19.54 27.07 -30.79
C PHE A 484 -18.18 27.37 -31.40
N SER A 485 -17.21 26.51 -31.11
CA SER A 485 -15.86 26.73 -31.62
C SER A 485 -15.83 26.78 -33.15
N ASN A 486 -16.70 26.01 -33.82
CA ASN A 486 -16.75 25.99 -35.28
C ASN A 486 -17.53 27.15 -35.86
N GLY A 487 -17.96 28.10 -35.04
CA GLY A 487 -18.69 29.26 -35.49
C GLY A 487 -20.20 29.13 -35.44
N THR A 488 -20.73 27.92 -35.26
CA THR A 488 -22.17 27.74 -35.25
C THR A 488 -22.76 28.37 -34.00
N GLN A 489 -23.86 29.09 -34.19
CA GLN A 489 -24.53 29.81 -33.11
C GLN A 489 -25.51 28.89 -32.40
N PHE A 490 -25.62 29.10 -31.08
CA PHE A 490 -26.58 28.37 -30.26
C PHE A 490 -26.96 29.26 -29.09
N ARG A 491 -27.95 28.82 -28.32
CA ARG A 491 -28.41 29.55 -27.15
C ARG A 491 -27.96 28.83 -25.89
N ARG A 492 -27.41 29.57 -24.93
CA ARG A 492 -26.90 29.03 -23.68
C ARG A 492 -27.71 29.60 -22.52
N GLY A 493 -28.37 28.72 -21.78
CA GLY A 493 -29.13 29.12 -20.62
C GLY A 493 -28.22 29.51 -19.46
N GLY A 494 -28.87 29.75 -18.32
CA GLY A 494 -28.13 30.16 -17.14
C GLY A 494 -27.25 29.06 -16.59
N GLY A 495 -26.12 29.46 -16.02
CA GLY A 495 -25.17 28.53 -15.44
C GLY A 495 -25.32 28.47 -13.93
N TYR A 496 -25.30 27.24 -13.40
CA TYR A 496 -25.50 27.00 -11.99
C TYR A 496 -24.45 26.04 -11.48
N GLY A 497 -23.80 26.41 -10.38
CA GLY A 497 -22.78 25.57 -9.79
C GLY A 497 -22.19 26.20 -8.54
N THR A 498 -20.92 26.56 -8.60
CA THR A 498 -20.28 27.25 -7.49
C THR A 498 -18.99 27.90 -7.96
N SER A 499 -18.71 29.08 -7.40
CA SER A 499 -17.42 29.74 -7.61
C SER A 499 -16.33 29.15 -6.73
N ALA A 500 -16.68 28.26 -5.81
CA ALA A 500 -15.70 27.60 -4.95
C ALA A 500 -15.70 26.10 -5.20
N PHE A 501 -15.54 25.70 -6.46
CA PHE A 501 -15.47 24.28 -6.80
C PHE A 501 -14.23 23.65 -6.16
N ILE A 502 -13.08 24.26 -6.36
CA ILE A 502 -11.82 23.78 -5.77
C ILE A 502 -10.85 24.93 -5.74
N THR A 503 -10.07 25.03 -4.67
CA THR A 503 -9.00 26.01 -4.61
C THR A 503 -7.91 25.66 -5.60
N HIS A 504 -7.22 26.68 -6.09
CA HIS A 504 -6.14 26.45 -7.05
C HIS A 504 -5.02 25.60 -6.44
N GLU A 505 -4.76 25.75 -5.13
CA GLU A 505 -3.72 24.95 -4.49
C GLU A 505 -4.06 23.47 -4.55
N ARG A 506 -5.29 23.11 -4.17
CA ARG A 506 -5.71 21.72 -4.27
C ARG A 506 -5.78 21.27 -5.73
N LEU A 507 -6.17 22.18 -6.63
CA LEU A 507 -6.19 21.85 -8.05
C LEU A 507 -4.81 21.45 -8.56
N LYS A 508 -3.76 22.02 -7.99
CA LYS A 508 -2.40 21.73 -8.40
C LYS A 508 -1.76 20.59 -7.59
N SER A 509 -2.51 19.98 -6.68
CA SER A 509 -2.00 18.91 -5.84
C SER A 509 -2.40 17.55 -6.41
N ARG A 510 -1.82 16.51 -5.83
CA ARG A 510 -2.13 15.13 -6.23
C ARG A 510 -2.04 15.00 -7.74
N ASP A 511 -3.01 14.34 -8.38
CA ASP A 511 -2.96 14.05 -9.80
C ASP A 511 -4.16 14.59 -10.55
N PHE A 512 -4.74 15.70 -10.08
CA PHE A 512 -5.78 16.37 -10.86
C PHE A 512 -5.22 16.80 -12.21
N ILE A 513 -4.04 17.42 -12.20
CA ILE A 513 -3.30 17.74 -13.41
C ILE A 513 -2.26 16.64 -13.60
N LYS A 514 -2.31 15.96 -14.74
CA LYS A 514 -1.35 14.92 -15.06
C LYS A 514 -1.01 15.01 -16.54
N GLY A 515 0.27 15.19 -16.85
CA GLY A 515 0.66 15.48 -18.21
C GLY A 515 0.08 16.78 -18.72
N ASP A 516 -0.15 17.74 -17.82
CA ASP A 516 -0.82 18.99 -18.14
C ASP A 516 -2.22 18.74 -18.71
N ASP A 517 -2.84 17.64 -18.31
CA ASP A 517 -4.18 17.28 -18.74
C ASP A 517 -5.12 17.22 -17.55
N VAL A 518 -6.35 17.64 -17.78
CA VAL A 518 -7.42 17.59 -16.77
C VAL A 518 -8.62 16.89 -17.39
N TYR A 519 -9.27 16.05 -16.60
CA TYR A 519 -10.48 15.35 -17.02
C TYR A 519 -11.60 15.70 -16.05
N ILE A 520 -12.72 16.16 -16.59
CA ILE A 520 -13.92 16.44 -15.82
C ILE A 520 -14.99 15.44 -16.26
N LEU A 521 -15.49 14.67 -15.31
CA LEU A 521 -16.45 13.61 -15.58
C LEU A 521 -17.86 14.10 -15.31
N LEU A 522 -18.78 13.74 -16.19
CA LEU A 522 -20.12 14.33 -16.22
C LEU A 522 -21.18 13.24 -16.26
N THR A 523 -22.18 13.37 -15.40
CA THR A 523 -23.36 12.51 -15.43
C THR A 523 -24.58 13.37 -15.16
N VAL A 524 -25.56 13.33 -16.06
CA VAL A 524 -26.80 14.07 -15.92
C VAL A 524 -27.93 13.04 -15.89
N GLU A 525 -28.55 12.88 -14.72
CA GLU A 525 -29.52 11.81 -14.48
C GLU A 525 -30.81 12.39 -13.92
N ASP A 526 -31.95 11.90 -14.44
CA ASP A 526 -33.25 12.26 -13.89
C ASP A 526 -33.42 11.59 -12.53
N ILE A 527 -33.58 12.41 -11.49
CA ILE A 527 -33.75 11.91 -10.13
C ILE A 527 -35.15 12.22 -9.59
N SER A 528 -36.12 12.45 -10.48
CA SER A 528 -37.47 12.74 -10.03
C SER A 528 -38.07 11.58 -9.24
N HIS A 529 -37.55 10.37 -9.41
CA HIS A 529 -38.03 9.22 -8.64
C HIS A 529 -37.66 9.31 -7.17
N LEU A 530 -36.81 10.27 -6.77
CA LEU A 530 -36.42 10.43 -5.38
C LEU A 530 -37.33 11.34 -4.57
N ASN A 531 -38.35 11.95 -5.18
CA ASN A 531 -39.22 12.84 -4.42
C ASN A 531 -39.88 12.10 -3.25
N SER A 532 -40.14 10.80 -3.40
CA SER A 532 -40.80 9.98 -2.38
C SER A 532 -39.85 8.86 -2.00
N THR A 533 -39.22 8.97 -0.84
CA THR A 533 -38.31 7.94 -0.34
C THR A 533 -38.62 7.60 1.11
N ASN B 1 -6.02 -19.60 -3.90
CA ASN B 1 -5.48 -20.87 -3.45
C ASN B 1 -5.85 -21.13 -1.99
N SER B 2 -6.91 -20.48 -1.52
CA SER B 2 -7.42 -20.65 -0.17
C SER B 2 -8.63 -21.58 -0.19
N ILE B 3 -8.77 -22.37 0.88
CA ILE B 3 -9.85 -23.34 0.98
C ILE B 3 -11.14 -22.63 1.34
N ILE B 4 -12.24 -23.02 0.69
CA ILE B 4 -13.55 -22.42 0.92
C ILE B 4 -14.23 -23.17 2.06
N GLY B 5 -14.77 -22.42 3.02
CA GLY B 5 -15.49 -23.01 4.13
C GLY B 5 -15.10 -22.41 5.47
N GLU B 6 -16.09 -21.86 6.19
CA GLU B 6 -15.82 -21.25 7.49
C GLU B 6 -15.39 -22.27 8.53
N LYS B 7 -15.62 -23.55 8.29
CA LYS B 7 -15.19 -24.57 9.25
C LYS B 7 -13.68 -24.78 9.22
N TYR B 8 -13.02 -24.32 8.16
CA TYR B 8 -11.57 -24.47 8.02
C TYR B 8 -10.79 -23.32 8.65
N ARG B 9 -11.46 -22.32 9.20
CA ARG B 9 -10.78 -21.19 9.80
C ARG B 9 -10.28 -21.53 11.19
N TRP B 10 -9.06 -21.13 11.49
CA TRP B 10 -8.54 -21.17 12.85
C TRP B 10 -8.94 -19.91 13.59
N PRO B 11 -8.89 -19.92 14.92
CA PRO B 11 -8.86 -18.66 15.66
C PRO B 11 -7.61 -17.87 15.28
N HIS B 12 -7.68 -16.55 15.46
CA HIS B 12 -6.53 -15.71 15.13
C HIS B 12 -5.29 -16.13 15.90
N THR B 13 -5.45 -16.64 17.12
CA THR B 13 -4.35 -17.20 17.89
C THR B 13 -4.43 -18.72 17.81
N ILE B 14 -3.39 -19.33 17.26
CA ILE B 14 -3.34 -20.78 17.04
C ILE B 14 -2.61 -21.42 18.20
N PRO B 15 -3.20 -22.42 18.88
CA PRO B 15 -2.45 -23.16 19.89
C PRO B 15 -1.52 -24.19 19.23
N TYR B 16 -0.31 -24.30 19.78
CA TYR B 16 0.69 -25.17 19.18
C TYR B 16 1.43 -25.94 20.27
N VAL B 17 2.01 -27.07 19.86
CA VAL B 17 2.91 -27.86 20.70
C VAL B 17 4.14 -28.17 19.85
N LEU B 18 5.32 -27.94 20.43
CA LEU B 18 6.58 -28.30 19.79
C LEU B 18 7.03 -29.63 20.38
N GLU B 19 6.76 -30.73 19.67
CA GLU B 19 7.08 -32.06 20.18
C GLU B 19 8.58 -32.28 20.29
N ASP B 20 8.97 -33.19 21.19
CA ASP B 20 10.37 -33.43 21.47
C ASP B 20 11.12 -34.08 20.31
N SER B 21 10.41 -34.63 19.33
CA SER B 21 11.09 -35.19 18.17
C SER B 21 11.78 -34.12 17.33
N LEU B 22 11.37 -32.86 17.46
CA LEU B 22 11.95 -31.78 16.68
C LEU B 22 13.42 -31.60 17.04
N GLU B 23 14.24 -31.33 16.02
CA GLU B 23 15.63 -30.96 16.25
C GLU B 23 15.69 -29.62 16.98
N MET B 24 16.79 -29.42 17.72
CA MET B 24 16.95 -28.17 18.47
C MET B 24 16.84 -26.97 17.54
N ASN B 25 17.62 -26.97 16.46
CA ASN B 25 17.57 -25.86 15.51
C ASN B 25 16.16 -25.68 14.96
N ALA B 26 15.45 -26.78 14.71
CA ALA B 26 14.08 -26.68 14.21
C ALA B 26 13.19 -25.94 15.19
N LYS B 27 13.29 -26.25 16.47
CA LYS B 27 12.45 -25.59 17.47
C LYS B 27 12.68 -24.08 17.45
N GLY B 28 13.95 -23.65 17.43
CA GLY B 28 14.23 -22.23 17.39
C GLY B 28 13.74 -21.58 16.11
N VAL B 29 13.95 -22.24 14.98
CA VAL B 29 13.49 -21.69 13.70
C VAL B 29 11.97 -21.55 13.71
N ILE B 30 11.27 -22.55 14.24
CA ILE B 30 9.81 -22.48 14.31
C ILE B 30 9.37 -21.24 15.09
N LEU B 31 9.96 -21.02 16.25
CA LEU B 31 9.62 -19.86 17.06
C LEU B 31 9.96 -18.56 16.33
N ASN B 32 10.99 -18.58 15.48
CA ASN B 32 11.26 -17.41 14.65
C ASN B 32 10.16 -17.18 13.62
N ALA B 33 9.68 -18.26 13.00
CA ALA B 33 8.60 -18.12 12.03
C ALA B 33 7.38 -17.47 12.67
N PHE B 34 7.06 -17.86 13.90
CA PHE B 34 5.94 -17.24 14.60
C PHE B 34 6.14 -15.72 14.70
N GLU B 35 7.36 -15.28 14.98
CA GLU B 35 7.63 -13.84 15.08
C GLU B 35 7.29 -13.13 13.78
N ARG B 36 7.55 -13.79 12.64
CA ARG B 36 7.22 -13.17 11.35
C ARG B 36 5.71 -13.04 11.17
N TYR B 37 4.95 -14.06 11.57
CA TYR B 37 3.49 -13.94 11.54
C TYR B 37 3.03 -12.79 12.43
N ARG B 38 3.63 -12.65 13.61
CA ARG B 38 3.23 -11.59 14.53
C ARG B 38 3.57 -10.21 13.99
N LEU B 39 4.55 -10.10 13.08
CA LEU B 39 4.92 -8.79 12.55
C LEU B 39 4.01 -8.36 11.40
N LYS B 40 3.61 -9.30 10.54
CA LYS B 40 2.98 -8.96 9.27
C LYS B 40 1.54 -9.42 9.14
N THR B 41 0.99 -10.12 10.13
CA THR B 41 -0.37 -10.60 10.08
C THR B 41 -1.02 -10.43 11.44
N CYS B 42 -2.32 -10.68 11.50
CA CYS B 42 -3.04 -10.72 12.76
C CYS B 42 -3.08 -12.13 13.34
N ILE B 43 -2.33 -13.06 12.76
CA ILE B 43 -2.23 -14.42 13.30
C ILE B 43 -1.19 -14.42 14.41
N ASP B 44 -1.54 -15.05 15.54
CA ASP B 44 -0.63 -15.21 16.66
C ASP B 44 -0.57 -16.68 17.04
N PHE B 45 0.37 -17.01 17.91
CA PHE B 45 0.59 -18.38 18.35
C PHE B 45 0.83 -18.38 19.84
N LYS B 46 0.24 -19.35 20.53
CA LYS B 46 0.41 -19.48 21.98
C LYS B 46 0.52 -20.94 22.35
N PRO B 47 1.28 -21.27 23.39
CA PRO B 47 1.39 -22.67 23.80
C PRO B 47 0.02 -23.28 24.11
N TRP B 48 -0.17 -24.50 23.61
CA TRP B 48 -1.42 -25.23 23.83
C TRP B 48 -1.69 -25.35 25.33
N ALA B 49 -2.91 -25.02 25.73
CA ALA B 49 -3.33 -25.07 27.13
C ALA B 49 -4.72 -25.68 27.23
N GLY B 50 -4.93 -26.81 26.56
CA GLY B 50 -6.17 -27.54 26.65
C GLY B 50 -7.18 -27.25 25.56
N GLU B 51 -6.86 -26.37 24.60
CA GLU B 51 -7.76 -26.11 23.50
C GLU B 51 -8.04 -27.41 22.75
N THR B 52 -9.28 -27.55 22.26
CA THR B 52 -9.65 -28.77 21.54
C THR B 52 -8.78 -28.95 20.30
N ASN B 53 -8.76 -27.96 19.41
CA ASN B 53 -8.00 -28.03 18.17
C ASN B 53 -6.69 -27.26 18.33
N TYR B 54 -5.58 -27.93 18.01
CA TYR B 54 -4.26 -27.31 18.12
C TYR B 54 -3.32 -27.99 17.13
N ILE B 55 -2.17 -27.36 16.92
CA ILE B 55 -1.16 -27.85 15.99
C ILE B 55 -0.06 -28.51 16.79
N SER B 56 0.30 -29.74 16.41
CA SER B 56 1.39 -30.48 17.03
C SER B 56 2.52 -30.56 16.01
N VAL B 57 3.57 -29.78 16.24
CA VAL B 57 4.72 -29.74 15.33
C VAL B 57 5.69 -30.83 15.78
N PHE B 58 6.05 -31.72 14.85
CA PHE B 58 6.87 -32.87 15.17
C PHE B 58 7.78 -33.17 13.99
N LYS B 59 8.80 -34.01 14.24
CA LYS B 59 9.79 -34.34 13.22
C LYS B 59 9.33 -35.61 12.49
N GLY B 60 8.39 -35.41 11.59
CA GLY B 60 7.92 -36.48 10.73
C GLY B 60 8.80 -36.66 9.51
N SER B 61 8.26 -37.38 8.53
CA SER B 61 8.93 -37.61 7.26
C SER B 61 8.62 -36.43 6.33
N GLY B 62 9.61 -35.58 6.10
CA GLY B 62 9.42 -34.44 5.23
C GLY B 62 8.76 -33.28 5.94
N CYS B 63 8.36 -32.29 5.13
CA CYS B 63 7.67 -31.11 5.61
C CYS B 63 6.28 -31.09 4.99
N TRP B 64 5.26 -31.16 5.82
CA TRP B 64 3.89 -31.20 5.31
C TRP B 64 2.92 -30.75 6.39
N SER B 65 1.69 -30.47 5.95
CA SER B 65 0.63 -29.98 6.82
C SER B 65 -0.70 -30.17 6.11
N SER B 66 -1.76 -30.34 6.89
CA SER B 66 -3.10 -30.32 6.32
C SER B 66 -3.47 -28.88 5.95
N VAL B 67 -4.47 -28.76 5.09
CA VAL B 67 -4.91 -27.47 4.59
C VAL B 67 -6.15 -27.04 5.37
N GLY B 68 -6.00 -25.99 6.18
CA GLY B 68 -7.10 -25.46 6.96
C GLY B 68 -7.25 -26.17 8.30
N ASN B 69 -8.08 -25.56 9.16
CA ASN B 69 -8.44 -26.17 10.43
C ASN B 69 -9.31 -27.39 10.17
N ARG B 70 -8.76 -28.58 10.39
CA ARG B 70 -9.52 -29.81 10.19
C ARG B 70 -10.36 -30.22 11.40
N ARG B 71 -10.23 -29.50 12.51
CA ARG B 71 -11.06 -29.75 13.69
C ARG B 71 -11.08 -31.24 14.05
N VAL B 72 -9.90 -31.83 14.06
CA VAL B 72 -9.73 -33.22 14.48
C VAL B 72 -9.02 -33.29 15.83
N GLY B 73 -9.09 -32.21 16.60
CA GLY B 73 -8.33 -32.10 17.82
C GLY B 73 -6.86 -31.84 17.55
N LYS B 74 -6.01 -32.80 17.87
CA LYS B 74 -4.58 -32.69 17.59
C LYS B 74 -4.37 -32.80 16.09
N GLN B 75 -3.96 -31.71 15.47
CA GLN B 75 -3.69 -31.66 14.03
C GLN B 75 -2.19 -31.57 13.81
N GLU B 76 -1.65 -32.54 13.07
CA GLU B 76 -0.20 -32.68 12.95
C GLU B 76 0.35 -31.77 11.86
N LEU B 77 1.54 -31.23 12.12
CA LEU B 77 2.32 -30.50 11.14
C LEU B 77 3.76 -30.99 11.26
N SER B 78 4.33 -31.42 10.14
CA SER B 78 5.64 -32.09 10.16
C SER B 78 6.72 -31.11 9.74
N ILE B 79 7.71 -30.92 10.61
CA ILE B 79 8.95 -30.23 10.25
C ILE B 79 10.07 -31.25 10.44
N GLY B 80 10.30 -32.07 9.43
CA GLY B 80 11.30 -33.12 9.49
C GLY B 80 12.69 -32.61 9.23
N ALA B 81 13.60 -33.55 8.96
CA ALA B 81 14.99 -33.20 8.67
C ALA B 81 15.06 -32.29 7.45
N ASN B 82 15.91 -31.27 7.53
CA ASN B 82 16.13 -30.26 6.50
C ASN B 82 14.95 -29.31 6.34
N CYS B 83 13.86 -29.49 7.09
CA CYS B 83 12.74 -28.56 7.07
C CYS B 83 12.94 -27.40 8.04
N ASP B 84 14.03 -27.41 8.81
CA ASP B 84 14.28 -26.39 9.83
C ASP B 84 14.76 -25.11 9.14
N ARG B 85 13.85 -24.52 8.38
CA ARG B 85 14.08 -23.26 7.68
C ARG B 85 12.86 -22.39 7.88
N ILE B 86 13.08 -21.12 8.27
CA ILE B 86 11.97 -20.27 8.68
C ILE B 86 10.94 -20.14 7.56
N ALA B 87 11.41 -20.01 6.31
CA ALA B 87 10.48 -19.89 5.20
C ALA B 87 9.67 -21.17 5.01
N THR B 88 10.26 -22.33 5.29
CA THR B 88 9.52 -23.58 5.18
C THR B 88 8.45 -23.68 6.26
N VAL B 89 8.76 -23.24 7.48
CA VAL B 89 7.77 -23.26 8.55
C VAL B 89 6.61 -22.32 8.22
N GLN B 90 6.93 -21.09 7.81
CA GLN B 90 5.90 -20.17 7.34
C GLN B 90 5.04 -20.83 6.28
N HIS B 91 5.68 -21.48 5.32
CA HIS B 91 4.97 -22.17 4.25
C HIS B 91 4.02 -23.22 4.80
N GLU B 92 4.52 -24.09 5.70
CA GLU B 92 3.67 -25.15 6.24
C GLU B 92 2.51 -24.57 7.04
N PHE B 93 2.73 -23.47 7.75
CA PHE B 93 1.64 -22.89 8.52
C PHE B 93 0.64 -22.15 7.65
N LEU B 94 1.05 -21.68 6.47
CA LEU B 94 0.08 -21.19 5.50
C LEU B 94 -0.82 -22.31 5.02
N HIS B 95 -0.27 -23.53 4.87
CA HIS B 95 -1.12 -24.69 4.63
C HIS B 95 -2.14 -24.83 5.77
N ALA B 96 -1.65 -24.89 7.01
CA ALA B 96 -2.53 -25.04 8.15
C ALA B 96 -3.58 -23.93 8.21
N LEU B 97 -3.19 -22.71 7.86
CA LEU B 97 -4.12 -21.59 7.89
C LEU B 97 -5.13 -21.62 6.75
N GLY B 98 -4.97 -22.51 5.77
CA GLY B 98 -6.00 -22.72 4.77
C GLY B 98 -5.59 -22.48 3.34
N PHE B 99 -4.31 -22.60 3.02
CA PHE B 99 -3.79 -22.29 1.69
C PHE B 99 -3.17 -23.52 1.04
N TRP B 100 -3.58 -23.79 -0.20
CA TRP B 100 -2.88 -24.73 -1.05
C TRP B 100 -1.70 -24.05 -1.74
N HIS B 101 -0.90 -24.84 -2.43
CA HIS B 101 0.21 -24.28 -3.20
C HIS B 101 -0.32 -23.34 -4.28
N GLU B 102 0.50 -22.35 -4.65
CA GLU B 102 0.07 -21.38 -5.65
C GLU B 102 -0.23 -22.05 -6.98
N GLN B 103 0.58 -23.04 -7.37
CA GLN B 103 0.34 -23.71 -8.64
C GLN B 103 -0.89 -24.61 -8.62
N SER B 104 -1.59 -24.71 -7.49
CA SER B 104 -2.85 -25.43 -7.41
C SER B 104 -4.06 -24.56 -7.72
N ARG B 105 -3.85 -23.29 -8.06
CA ARG B 105 -4.97 -22.40 -8.35
C ARG B 105 -5.77 -22.90 -9.54
N SER B 106 -7.05 -22.54 -9.57
CA SER B 106 -7.93 -22.96 -10.65
C SER B 106 -7.49 -22.39 -12.00
N ASP B 107 -6.78 -21.27 -11.99
CA ASP B 107 -6.30 -20.63 -13.21
C ASP B 107 -4.83 -20.90 -13.48
N ARG B 108 -4.24 -21.90 -12.81
CA ARG B 108 -2.80 -22.08 -12.85
C ARG B 108 -2.30 -22.42 -14.26
N ASP B 109 -3.13 -23.08 -15.07
CA ASP B 109 -2.68 -23.48 -16.39
C ASP B 109 -2.46 -22.29 -17.32
N ASP B 110 -3.02 -21.13 -16.99
CA ASP B 110 -2.78 -19.94 -17.80
C ASP B 110 -1.40 -19.34 -17.57
N TYR B 111 -0.72 -19.72 -16.48
CA TYR B 111 0.55 -19.13 -16.12
C TYR B 111 1.71 -20.12 -16.09
N VAL B 112 1.46 -21.38 -15.74
CA VAL B 112 2.49 -22.41 -15.76
C VAL B 112 1.94 -23.62 -16.50
N ARG B 113 2.85 -24.41 -17.06
CA ARG B 113 2.49 -25.67 -17.72
C ARG B 113 3.18 -26.81 -17.00
N ILE B 114 2.40 -27.76 -16.51
CA ILE B 114 2.93 -28.92 -15.80
C ILE B 114 3.41 -29.94 -16.82
N MET B 115 4.71 -30.25 -16.76
CA MET B 115 5.31 -31.25 -17.64
C MET B 115 5.14 -32.62 -16.98
N TRP B 116 3.99 -33.25 -17.21
CA TRP B 116 3.70 -34.52 -16.57
C TRP B 116 4.67 -35.61 -17.03
N ASP B 117 5.13 -35.55 -18.28
CA ASP B 117 6.06 -36.55 -18.79
C ASP B 117 7.43 -36.47 -18.14
N ARG B 118 7.73 -35.40 -17.41
CA ARG B 118 9.04 -35.23 -16.78
C ARG B 118 8.94 -35.30 -15.26
N ILE B 119 7.76 -35.62 -14.72
CA ILE B 119 7.59 -35.84 -13.28
C ILE B 119 7.97 -37.28 -12.98
N LEU B 120 8.61 -37.48 -11.82
CA LEU B 120 8.93 -38.83 -11.39
C LEU B 120 7.66 -39.63 -11.16
N SER B 121 7.64 -40.86 -11.68
CA SER B 121 6.50 -41.74 -11.51
C SER B 121 6.16 -41.89 -10.03
N GLY B 122 4.88 -41.74 -9.70
CA GLY B 122 4.42 -41.79 -8.33
C GLY B 122 4.45 -40.46 -7.61
N ARG B 123 4.83 -39.38 -8.30
CA ARG B 123 4.91 -38.05 -7.70
C ARG B 123 3.95 -37.06 -8.32
N GLU B 124 3.11 -37.49 -9.27
CA GLU B 124 2.19 -36.57 -9.95
C GLU B 124 1.04 -36.10 -9.07
N HIS B 125 0.79 -36.78 -7.95
CA HIS B 125 -0.34 -36.43 -7.09
C HIS B 125 -0.20 -35.07 -6.41
N ASN B 126 1.01 -34.53 -6.30
CA ASN B 126 1.20 -33.24 -5.64
C ASN B 126 0.97 -32.04 -6.54
N PHE B 127 0.66 -32.25 -7.82
CA PHE B 127 0.47 -31.16 -8.79
C PHE B 127 -1.01 -30.96 -9.13
N ASN B 128 -1.89 -31.15 -8.15
CA ASN B 128 -3.32 -31.07 -8.42
C ASN B 128 -3.79 -29.64 -8.60
N THR B 129 -4.96 -29.51 -9.21
CA THR B 129 -5.64 -28.23 -9.38
C THR B 129 -7.00 -28.33 -8.71
N TYR B 130 -7.41 -27.24 -8.08
CA TYR B 130 -8.69 -27.16 -7.39
C TYR B 130 -9.55 -26.10 -8.05
N SER B 131 -10.78 -26.49 -8.40
CA SER B 131 -11.67 -25.59 -9.13
C SER B 131 -12.11 -24.43 -8.24
N ASP B 132 -12.71 -23.42 -8.87
CA ASP B 132 -13.06 -22.21 -8.14
C ASP B 132 -14.27 -22.39 -7.23
N ASP B 133 -14.94 -23.54 -7.28
CA ASP B 133 -16.03 -23.80 -6.35
C ASP B 133 -15.54 -24.33 -5.00
N ILE B 134 -14.29 -24.81 -4.94
CA ILE B 134 -13.68 -25.20 -3.68
C ILE B 134 -12.43 -24.38 -3.35
N SER B 135 -11.89 -23.64 -4.32
CA SER B 135 -10.68 -22.84 -4.14
C SER B 135 -10.98 -21.40 -4.51
N ASP B 136 -10.58 -20.46 -3.65
CA ASP B 136 -10.82 -19.05 -3.88
C ASP B 136 -9.48 -18.32 -3.83
N SER B 137 -9.12 -17.69 -4.95
CA SER B 137 -7.87 -16.92 -5.04
C SER B 137 -8.01 -15.52 -4.48
N LEU B 138 -9.17 -15.17 -3.91
CA LEU B 138 -9.34 -13.92 -3.18
C LEU B 138 -9.03 -12.71 -4.04
N ASN B 139 -9.37 -12.79 -5.32
CA ASN B 139 -9.23 -11.67 -6.25
C ASN B 139 -7.79 -11.16 -6.30
N VAL B 140 -6.83 -12.07 -6.17
CA VAL B 140 -5.41 -11.76 -6.22
C VAL B 140 -4.82 -12.47 -7.43
N PRO B 141 -4.08 -11.80 -8.30
CA PRO B 141 -3.53 -12.49 -9.48
C PRO B 141 -2.52 -13.57 -9.09
N TYR B 142 -2.28 -14.47 -10.05
CA TYR B 142 -1.31 -15.53 -9.88
C TYR B 142 0.04 -14.96 -9.49
N ASP B 143 0.65 -15.56 -8.46
CA ASP B 143 1.84 -15.00 -7.82
C ASP B 143 3.02 -15.96 -8.02
N TYR B 144 3.89 -15.66 -8.99
CA TYR B 144 5.09 -16.46 -9.20
C TYR B 144 6.00 -16.44 -7.98
N THR B 145 6.03 -15.34 -7.25
CA THR B 145 6.92 -15.17 -6.12
C THR B 145 6.35 -15.70 -4.81
N SER B 146 5.22 -16.40 -4.87
CA SER B 146 4.58 -16.91 -3.66
C SER B 146 5.50 -17.90 -2.95
N VAL B 147 5.51 -17.82 -1.61
CA VAL B 147 6.22 -18.81 -0.82
C VAL B 147 5.51 -20.15 -0.83
N MET B 148 4.32 -20.22 -1.41
CA MET B 148 3.57 -21.46 -1.58
C MET B 148 3.67 -22.03 -2.99
N HIS B 149 4.61 -21.53 -3.79
CA HIS B 149 4.76 -21.97 -5.18
C HIS B 149 6.02 -22.83 -5.30
N TYR B 150 5.85 -24.04 -5.83
CA TYR B 150 6.98 -24.92 -6.09
C TYR B 150 8.02 -24.24 -6.98
N SER B 151 9.27 -24.70 -6.86
CA SER B 151 10.27 -24.34 -7.84
C SER B 151 10.11 -25.20 -9.08
N LYS B 152 10.87 -24.89 -10.12
CA LYS B 152 10.71 -25.57 -11.39
C LYS B 152 11.15 -27.03 -11.35
N THR B 153 11.92 -27.43 -10.34
CA THR B 153 12.50 -28.76 -10.28
C THR B 153 11.71 -29.73 -9.38
N ALA B 154 10.57 -29.30 -8.86
CA ALA B 154 9.85 -30.10 -7.87
C ALA B 154 9.54 -31.49 -8.43
N PHE B 155 10.05 -32.51 -7.75
CA PHE B 155 9.81 -33.92 -8.10
C PHE B 155 10.17 -34.21 -9.55
N GLN B 156 11.24 -33.57 -10.04
CA GLN B 156 11.63 -33.76 -11.43
C GLN B 156 12.42 -35.06 -11.59
N ASN B 157 12.23 -35.70 -12.74
CA ASN B 157 13.01 -36.87 -13.12
C ASN B 157 14.00 -36.41 -14.20
N GLY B 158 15.25 -36.24 -13.80
CA GLY B 158 16.27 -35.73 -14.69
C GLY B 158 16.58 -34.27 -14.42
N THR B 159 17.15 -33.64 -15.44
CA THR B 159 17.55 -32.24 -15.36
C THR B 159 16.52 -31.30 -15.97
N GLU B 160 15.34 -31.83 -16.36
CA GLU B 160 14.35 -31.03 -17.05
C GLU B 160 13.28 -30.56 -16.08
N PRO B 161 12.89 -29.29 -16.11
CA PRO B 161 11.94 -28.79 -15.11
C PRO B 161 10.55 -29.39 -15.29
N THR B 162 9.87 -29.60 -14.17
CA THR B 162 8.50 -30.10 -14.18
C THR B 162 7.47 -28.99 -14.33
N ILE B 163 7.83 -27.75 -13.97
CA ILE B 163 6.94 -26.60 -14.07
C ILE B 163 7.62 -25.56 -14.94
N VAL B 164 6.96 -25.20 -16.04
CA VAL B 164 7.48 -24.22 -16.99
C VAL B 164 6.59 -22.99 -16.96
N THR B 165 7.18 -21.85 -16.61
CA THR B 165 6.45 -20.59 -16.57
C THR B 165 6.32 -20.00 -17.97
N ARG B 166 5.09 -19.64 -18.34
CA ARG B 166 4.83 -19.11 -19.67
C ARG B 166 5.51 -17.75 -19.87
N ILE B 167 5.58 -16.93 -18.82
CA ILE B 167 6.47 -15.78 -18.82
C ILE B 167 7.86 -16.32 -18.48
N SER B 168 8.70 -16.50 -19.51
CA SER B 168 9.94 -17.25 -19.33
C SER B 168 10.82 -16.65 -18.23
N ASP B 169 10.76 -15.33 -18.04
CA ASP B 169 11.60 -14.69 -17.05
C ASP B 169 11.31 -15.16 -15.62
N PHE B 170 10.20 -15.86 -15.40
CA PHE B 170 9.83 -16.35 -14.08
C PHE B 170 10.23 -17.80 -13.85
N GLU B 171 10.98 -18.40 -14.77
CA GLU B 171 11.28 -19.83 -14.65
C GLU B 171 12.09 -20.12 -13.39
N ASP B 172 13.09 -19.29 -13.09
CA ASP B 172 13.87 -19.44 -11.88
C ASP B 172 13.31 -18.65 -10.70
N VAL B 173 12.30 -17.81 -10.93
CA VAL B 173 11.74 -17.00 -9.85
C VAL B 173 10.92 -17.88 -8.91
N ILE B 174 10.10 -18.77 -9.47
CA ILE B 174 9.22 -19.59 -8.65
C ILE B 174 10.05 -20.46 -7.72
N GLY B 175 9.51 -20.71 -6.53
CA GLY B 175 10.20 -21.49 -5.53
C GLY B 175 10.95 -20.69 -4.49
N GLN B 176 10.82 -19.37 -4.47
CA GLN B 176 11.51 -18.56 -3.48
C GLN B 176 11.10 -19.00 -2.08
N ARG B 177 12.08 -19.16 -1.20
CA ARG B 177 11.83 -19.54 0.19
C ARG B 177 12.57 -18.57 1.11
N MET B 178 12.25 -17.29 0.95
CA MET B 178 12.83 -16.22 1.75
C MET B 178 11.86 -15.68 2.79
N ASP B 179 10.64 -15.35 2.39
CA ASP B 179 9.65 -14.78 3.30
C ASP B 179 8.30 -14.78 2.58
N PHE B 180 7.26 -14.34 3.30
CA PHE B 180 5.99 -14.07 2.64
C PHE B 180 6.21 -13.17 1.44
N SER B 181 5.49 -13.46 0.37
CA SER B 181 5.36 -12.47 -0.69
C SER B 181 4.25 -11.48 -0.33
N ASP B 182 4.22 -10.35 -1.03
CA ASP B 182 3.17 -9.37 -0.78
C ASP B 182 1.79 -9.99 -0.97
N SER B 183 1.63 -10.82 -1.99
CA SER B 183 0.34 -11.46 -2.24
C SER B 183 0.00 -12.46 -1.14
N ASP B 184 1.00 -13.21 -0.65
CA ASP B 184 0.75 -14.13 0.46
C ASP B 184 0.09 -13.41 1.63
N LEU B 185 0.60 -12.23 1.97
CA LEU B 185 0.01 -11.46 3.06
C LEU B 185 -1.36 -10.92 2.69
N LEU B 186 -1.49 -10.38 1.47
CA LEU B 186 -2.79 -9.88 1.02
C LEU B 186 -3.87 -10.94 1.17
N LYS B 187 -3.58 -12.17 0.76
CA LYS B 187 -4.58 -13.23 0.81
C LYS B 187 -4.85 -13.68 2.24
N LEU B 188 -3.79 -13.93 3.02
CA LEU B 188 -3.98 -14.35 4.40
C LEU B 188 -4.69 -13.28 5.21
N ASN B 189 -4.20 -12.03 5.13
CA ASN B 189 -4.80 -10.95 5.91
C ASN B 189 -6.24 -10.69 5.48
N GLN B 190 -6.56 -10.92 4.21
CA GLN B 190 -7.95 -10.84 3.78
C GLN B 190 -8.76 -11.99 4.34
N LEU B 191 -8.19 -13.20 4.34
CA LEU B 191 -8.94 -14.38 4.76
C LEU B 191 -9.26 -14.34 6.25
N TYR B 192 -8.45 -13.64 7.04
CA TYR B 192 -8.65 -13.55 8.48
C TYR B 192 -9.01 -12.13 8.94
N ASN B 193 -9.50 -11.29 8.03
CA ASN B 193 -9.93 -9.93 8.36
C ASN B 193 -8.90 -9.21 9.24
N CYS B 194 -7.63 -9.36 8.88
CA CYS B 194 -6.56 -8.77 9.70
C CYS B 194 -6.58 -7.26 9.57
N SER B 195 -6.73 -6.57 10.70
CA SER B 195 -6.70 -5.12 10.76
C SER B 195 -5.34 -4.57 11.15
N SER B 196 -4.61 -5.28 12.01
CA SER B 196 -3.27 -4.87 12.41
C SER B 196 -2.51 -6.12 12.85
N SER B 197 -1.24 -5.93 13.20
CA SER B 197 -0.40 -7.01 13.66
C SER B 197 -0.06 -6.81 15.13
N LEU B 198 0.63 -7.80 15.69
CA LEU B 198 1.06 -7.69 17.09
C LEU B 198 2.30 -6.82 17.23
N SER B 199 3.27 -6.98 16.33
CA SER B 199 4.61 -6.48 16.55
C SER B 199 4.95 -5.20 15.80
N PHE B 200 4.19 -4.85 14.76
CA PHE B 200 4.52 -3.65 14.00
C PHE B 200 4.04 -2.41 14.74
N MET B 201 4.89 -1.40 14.81
CA MET B 201 4.56 -0.15 15.50
C MET B 201 4.60 1.05 14.56
N ASP B 202 5.70 1.25 13.84
CA ASP B 202 5.82 2.43 13.01
C ASP B 202 6.89 2.23 11.94
N SER B 203 6.68 2.87 10.80
CA SER B 203 7.65 2.91 9.71
C SER B 203 7.66 4.31 9.14
N CYS B 204 8.82 4.96 9.12
CA CYS B 204 8.91 6.36 8.71
C CYS B 204 10.05 6.53 7.73
N SER B 205 9.73 6.94 6.51
CA SER B 205 10.72 7.25 5.49
C SER B 205 10.72 8.72 5.09
N PHE B 206 9.89 9.54 5.73
CA PHE B 206 9.86 10.99 5.50
C PHE B 206 9.51 11.34 4.05
N GLU B 207 8.80 10.45 3.35
CA GLU B 207 8.40 10.74 1.98
C GLU B 207 7.15 11.60 1.88
N LEU B 208 6.46 11.83 2.99
CA LEU B 208 5.33 12.76 3.05
C LEU B 208 5.68 13.92 3.97
N GLU B 209 5.13 15.10 3.64
CA GLU B 209 5.54 16.32 4.33
C GLU B 209 5.17 16.33 5.80
N ASN B 210 4.19 15.52 6.22
CA ASN B 210 3.85 15.44 7.63
C ASN B 210 4.83 14.58 8.44
N VAL B 211 5.89 14.08 7.81
CA VAL B 211 6.95 13.30 8.44
C VAL B 211 6.43 12.36 9.53
N CYS B 212 5.46 11.53 9.16
CA CYS B 212 5.01 10.40 9.97
C CYS B 212 4.53 10.81 11.36
N GLY B 213 4.15 12.07 11.55
CA GLY B 213 3.69 12.52 12.84
C GLY B 213 4.78 12.91 13.82
N MET B 214 6.03 12.92 13.39
CA MET B 214 7.12 13.34 14.27
C MET B 214 7.05 14.85 14.49
N ILE B 215 7.44 15.26 15.70
CA ILE B 215 7.30 16.65 16.13
C ILE B 215 8.67 17.22 16.42
N GLN B 216 8.85 18.49 16.07
CA GLN B 216 10.08 19.23 16.33
C GLN B 216 10.01 19.88 17.70
N SER B 217 11.06 19.71 18.50
CA SER B 217 11.10 20.30 19.82
C SER B 217 11.43 21.78 19.73
N SER B 218 10.82 22.58 20.60
CA SER B 218 11.10 24.02 20.65
C SER B 218 12.09 24.40 21.73
N GLY B 219 12.31 23.55 22.73
CA GLY B 219 13.28 23.82 23.77
C GLY B 219 14.64 23.27 23.42
N ASP B 220 15.20 23.72 22.30
CA ASP B 220 16.50 23.26 21.82
C ASP B 220 17.11 24.38 20.99
N ASN B 221 18.14 24.06 20.20
CA ASN B 221 18.91 25.06 19.49
C ASN B 221 18.71 25.04 17.98
N ALA B 222 18.19 23.95 17.43
CA ALA B 222 18.00 23.87 15.99
C ALA B 222 16.86 22.90 15.70
N ASP B 223 16.46 22.85 14.43
CA ASP B 223 15.44 21.94 13.96
C ASP B 223 16.05 20.95 12.98
N TRP B 224 15.54 19.73 13.00
CA TRP B 224 15.81 18.80 11.91
C TRP B 224 15.08 19.28 10.67
N GLN B 225 15.76 19.24 9.53
CA GLN B 225 15.23 19.77 8.28
C GLN B 225 14.92 18.63 7.33
N ARG B 226 13.72 18.64 6.76
CA ARG B 226 13.33 17.67 5.75
C ARG B 226 13.93 18.11 4.42
N VAL B 227 14.95 17.40 3.96
CA VAL B 227 15.69 17.79 2.77
C VAL B 227 15.86 16.57 1.87
N SER B 228 16.16 16.83 0.60
CA SER B 228 16.44 15.79 -0.36
C SER B 228 17.91 15.67 -0.69
N GLN B 229 18.75 16.57 -0.17
CA GLN B 229 20.18 16.50 -0.39
C GLN B 229 20.85 17.46 0.58
N VAL B 230 22.12 17.18 0.88
CA VAL B 230 22.95 18.08 1.66
C VAL B 230 24.27 18.22 0.89
N PRO B 231 24.79 19.43 0.70
CA PRO B 231 25.99 19.58 -0.15
C PRO B 231 27.11 18.61 0.21
N ARG B 232 27.49 18.54 1.49
CA ARG B 232 28.61 17.70 1.89
C ARG B 232 28.22 16.24 2.05
N GLY B 233 26.93 15.91 2.02
CA GLY B 233 26.48 14.54 2.06
C GLY B 233 25.35 14.33 3.05
N PRO B 234 24.43 13.40 2.74
CA PRO B 234 24.38 12.59 1.53
C PRO B 234 23.78 13.35 0.35
N GLU B 235 24.11 12.95 -0.88
CA GLU B 235 23.58 13.63 -2.05
C GLU B 235 22.13 13.25 -2.33
N SER B 236 21.65 12.15 -1.75
CA SER B 236 20.26 11.76 -1.88
C SER B 236 19.85 11.05 -0.60
N ASP B 237 18.55 10.77 -0.48
CA ASP B 237 18.05 10.05 0.68
C ASP B 237 18.39 8.57 0.57
N HIS B 238 18.01 7.81 1.59
CA HIS B 238 18.25 6.37 1.58
C HIS B 238 17.08 5.59 0.97
N SER B 239 15.86 6.11 1.09
CA SER B 239 14.70 5.39 0.57
C SER B 239 14.79 5.18 -0.93
N ASN B 240 14.87 6.28 -1.69
CA ASN B 240 14.88 6.21 -3.14
C ASN B 240 16.28 6.24 -3.74
N MET B 241 17.25 6.83 -3.05
CA MET B 241 18.61 6.95 -3.59
C MET B 241 18.58 7.69 -4.92
N GLY B 242 17.80 8.77 -4.99
CA GLY B 242 17.75 9.59 -6.18
C GLY B 242 17.07 8.95 -7.37
N GLN B 243 16.35 7.84 -7.18
CA GLN B 243 15.74 7.15 -8.32
C GLN B 243 14.60 7.96 -8.92
N CYS B 244 13.81 8.61 -8.08
CA CYS B 244 12.62 9.34 -8.53
C CYS B 244 12.85 10.84 -8.38
N GLN B 245 12.58 11.58 -9.45
CA GLN B 245 12.78 13.02 -9.45
C GLN B 245 11.79 13.69 -8.51
N GLY B 246 12.28 14.64 -7.71
CA GLY B 246 11.45 15.33 -6.76
C GLY B 246 11.01 14.49 -5.57
N SER B 247 11.61 13.31 -5.40
CA SER B 247 11.26 12.42 -4.31
C SER B 247 12.54 11.95 -3.62
N GLY B 248 12.38 11.50 -2.38
CA GLY B 248 13.51 11.08 -1.58
C GLY B 248 13.94 12.14 -0.60
N PHE B 249 13.40 12.08 0.61
CA PHE B 249 13.68 13.06 1.65
C PHE B 249 14.19 12.37 2.91
N PHE B 250 14.94 13.14 3.70
CA PHE B 250 15.42 12.67 4.98
C PHE B 250 15.50 13.86 5.93
N MET B 251 15.59 13.57 7.22
CA MET B 251 15.71 14.62 8.23
C MET B 251 17.19 14.85 8.52
N HIS B 252 17.60 16.11 8.47
CA HIS B 252 18.99 16.49 8.60
C HIS B 252 19.17 17.45 9.76
N PHE B 253 20.20 17.20 10.57
CA PHE B 253 20.60 18.09 11.65
C PHE B 253 21.92 18.73 11.24
N ASP B 254 21.85 20.02 10.89
CA ASP B 254 23.03 20.74 10.41
C ASP B 254 23.88 21.14 11.60
N SER B 255 24.91 20.35 11.88
CA SER B 255 25.83 20.65 12.97
C SER B 255 26.89 21.67 12.58
N SER B 256 27.03 21.98 11.29
CA SER B 256 28.07 22.90 10.86
C SER B 256 27.77 24.33 11.31
N SER B 257 26.49 24.69 11.45
CA SER B 257 26.10 26.06 11.70
C SER B 257 25.53 26.26 13.12
N VAL B 258 25.96 25.45 14.08
CA VAL B 258 25.57 25.62 15.47
C VAL B 258 26.81 25.52 16.34
N ASN B 259 26.69 25.99 17.58
CA ASN B 259 27.79 25.98 18.51
C ASN B 259 27.93 24.60 19.15
N VAL B 260 29.08 24.39 19.80
CA VAL B 260 29.33 23.13 20.50
C VAL B 260 28.26 22.92 21.57
N GLY B 261 27.79 21.69 21.68
CA GLY B 261 26.78 21.32 22.66
C GLY B 261 25.36 21.61 22.24
N ALA B 262 25.15 22.32 21.13
CA ALA B 262 23.80 22.59 20.68
C ALA B 262 23.11 21.29 20.26
N THR B 263 21.79 21.26 20.43
CA THR B 263 21.01 20.05 20.18
C THR B 263 19.78 20.37 19.34
N ALA B 264 19.39 19.42 18.51
CA ALA B 264 18.11 19.41 17.82
C ALA B 264 17.40 18.10 18.13
N VAL B 265 16.15 18.20 18.60
CA VAL B 265 15.41 17.04 19.07
C VAL B 265 14.22 16.80 18.15
N LEU B 266 14.07 15.55 17.70
CA LEU B 266 12.90 15.11 16.94
C LEU B 266 12.23 13.98 17.71
N GLU B 267 10.97 14.16 18.06
CA GLU B 267 10.23 13.20 18.84
C GLU B 267 9.15 12.53 17.99
N SER B 268 8.98 11.22 18.19
CA SER B 268 7.98 10.47 17.44
C SER B 268 6.60 10.72 18.03
N ARG B 269 5.59 10.22 17.32
CA ARG B 269 4.23 10.27 17.84
C ARG B 269 4.07 9.33 19.01
N THR B 270 2.96 9.48 19.72
CA THR B 270 2.66 8.61 20.86
C THR B 270 2.42 7.19 20.39
N LEU B 271 3.02 6.24 21.10
CA LEU B 271 2.96 4.83 20.73
C LEU B 271 2.50 4.00 21.92
N TYR B 272 1.75 2.95 21.63
CA TYR B 272 1.18 2.08 22.67
C TYR B 272 1.70 0.67 22.51
N PRO B 273 2.65 0.23 23.33
CA PRO B 273 3.25 -1.09 23.13
C PRO B 273 2.34 -2.21 23.63
N LYS B 274 2.53 -3.38 23.04
CA LYS B 274 1.76 -4.56 23.39
C LYS B 274 2.58 -5.72 23.95
N ARG B 275 3.90 -5.72 23.78
CA ARG B 275 4.72 -6.88 24.11
C ARG B 275 5.76 -6.64 25.21
N GLY B 276 6.24 -5.42 25.38
CA GLY B 276 7.23 -5.14 26.41
C GLY B 276 8.67 -5.17 25.94
N PHE B 277 8.92 -5.44 24.65
CA PHE B 277 10.26 -5.36 24.10
C PHE B 277 10.14 -4.89 22.66
N GLN B 278 11.03 -3.98 22.25
CA GLN B 278 10.97 -3.39 20.93
C GLN B 278 12.37 -3.23 20.36
N CYS B 279 12.43 -3.11 19.03
CA CYS B 279 13.68 -2.83 18.31
C CYS B 279 13.48 -1.62 17.44
N LEU B 280 14.23 -0.55 17.72
CA LEU B 280 14.21 0.66 16.92
C LEU B 280 15.42 0.62 15.98
N GLN B 281 15.16 0.74 14.68
CA GLN B 281 16.21 0.70 13.68
C GLN B 281 16.05 1.87 12.72
N PHE B 282 17.17 2.29 12.13
CA PHE B 282 17.20 3.45 11.25
C PHE B 282 18.56 3.54 10.60
N TYR B 283 18.63 4.32 9.53
CA TYR B 283 19.87 4.58 8.80
C TYR B 283 20.36 5.99 9.12
N LEU B 284 21.66 6.10 9.36
CA LEU B 284 22.28 7.38 9.68
C LEU B 284 23.34 7.71 8.63
N TYR B 285 23.48 9.00 8.35
CA TYR B 285 24.55 9.51 7.50
C TYR B 285 25.23 10.65 8.23
N ASN B 286 26.56 10.64 8.26
CA ASN B 286 27.33 11.64 8.99
C ASN B 286 28.30 12.32 8.02
N SER B 287 28.03 13.59 7.72
CA SER B 287 28.94 14.42 6.95
C SER B 287 29.61 15.49 7.80
N GLY B 288 29.39 15.45 9.11
CA GLY B 288 30.01 16.40 10.01
C GLY B 288 31.24 15.83 10.71
N SER B 289 31.32 16.00 12.02
CA SER B 289 32.46 15.55 12.80
C SER B 289 32.17 14.24 13.50
N GLU B 290 33.23 13.51 13.84
CA GLU B 290 33.10 12.31 14.65
C GLU B 290 32.79 12.64 16.11
N SER B 291 32.90 13.91 16.50
CA SER B 291 32.49 14.31 17.84
C SER B 291 30.99 14.54 17.93
N ASP B 292 30.32 14.75 16.81
CA ASP B 292 28.86 14.83 16.81
C ASP B 292 28.28 13.47 17.18
N GLN B 293 27.20 13.47 17.94
CA GLN B 293 26.57 12.24 18.40
C GLN B 293 25.05 12.36 18.30
N LEU B 294 24.40 11.21 18.21
CA LEU B 294 22.96 11.11 18.24
C LEU B 294 22.55 10.35 19.49
N ASN B 295 21.70 10.95 20.30
CA ASN B 295 21.22 10.35 21.55
C ASN B 295 19.78 9.92 21.37
N ILE B 296 19.46 8.70 21.82
CA ILE B 296 18.12 8.16 21.76
C ILE B 296 17.57 8.16 23.19
N TYR B 297 16.40 8.74 23.38
CA TYR B 297 15.70 8.67 24.66
C TYR B 297 14.33 8.02 24.47
N ILE B 298 13.74 7.60 25.59
CA ILE B 298 12.37 7.11 25.63
C ILE B 298 11.61 7.99 26.62
N ARG B 299 10.52 8.58 26.17
CA ARG B 299 9.64 9.39 27.02
C ARG B 299 8.42 8.55 27.34
N GLU B 300 8.36 8.00 28.55
CA GLU B 300 7.26 7.15 28.98
C GLU B 300 6.22 7.95 29.75
N TYR B 301 4.95 7.68 29.47
CA TYR B 301 3.82 8.35 30.10
C TYR B 301 3.11 7.40 31.05
N SER B 302 2.70 7.91 32.21
CA SER B 302 2.02 7.11 33.21
C SER B 302 1.15 8.03 34.05
N ALA B 303 0.32 7.43 34.90
CA ALA B 303 -0.49 8.24 35.81
C ALA B 303 0.39 9.03 36.77
N ASP B 304 1.60 8.52 37.04
CA ASP B 304 2.51 9.22 37.95
C ASP B 304 3.21 10.38 37.24
N ASN B 305 3.43 10.27 35.93
CA ASN B 305 4.03 11.33 35.12
C ASN B 305 3.14 11.53 33.88
N VAL B 306 2.17 12.43 33.98
CA VAL B 306 1.30 12.70 32.84
C VAL B 306 2.03 13.50 31.78
N ASP B 307 3.05 14.28 32.17
CA ASP B 307 3.87 15.00 31.22
C ASP B 307 4.90 14.10 30.53
N GLY B 308 5.25 12.97 31.14
CA GLY B 308 6.18 12.03 30.53
C GLY B 308 7.59 12.15 31.09
N ASN B 309 8.21 11.01 31.41
CA ASN B 309 9.55 10.97 31.98
C ASN B 309 10.54 10.47 30.95
N LEU B 310 11.67 11.17 30.83
CA LEU B 310 12.69 10.85 29.85
C LEU B 310 13.69 9.84 30.40
N THR B 311 14.13 8.93 29.54
CA THR B 311 15.16 7.95 29.88
C THR B 311 16.10 7.81 28.69
N LEU B 312 17.38 8.08 28.92
CA LEU B 312 18.39 7.85 27.89
C LEU B 312 18.59 6.35 27.70
N VAL B 313 18.51 5.89 26.45
CA VAL B 313 18.68 4.48 26.15
C VAL B 313 19.97 4.18 25.40
N GLU B 314 20.50 5.13 24.63
CA GLU B 314 21.73 4.87 23.89
C GLU B 314 22.34 6.17 23.40
N GLU B 315 23.66 6.23 23.44
CA GLU B 315 24.43 7.33 22.84
C GLU B 315 25.20 6.76 21.66
N ILE B 316 24.95 7.30 20.47
CA ILE B 316 25.59 6.85 19.24
C ILE B 316 26.70 7.85 18.92
N LYS B 317 27.95 7.42 19.09
CA LYS B 317 29.11 8.28 18.95
C LYS B 317 30.00 7.79 17.81
N GLU B 318 30.89 8.67 17.36
CA GLU B 318 31.88 8.34 16.34
C GLU B 318 31.23 7.62 15.15
N ILE B 319 30.35 8.35 14.48
CA ILE B 319 29.56 7.79 13.38
C ILE B 319 30.38 7.84 12.10
N PRO B 320 30.63 6.69 11.44
CA PRO B 320 31.39 6.70 10.20
C PRO B 320 30.80 7.65 9.16
N THR B 321 31.68 8.37 8.46
CA THR B 321 31.29 9.33 7.44
C THR B 321 31.36 8.70 6.05
N GLY B 322 30.49 9.17 5.16
CA GLY B 322 30.56 8.83 3.76
C GLY B 322 29.66 7.71 3.29
N SER B 323 28.86 7.11 4.17
CA SER B 323 27.97 6.05 3.75
C SER B 323 26.83 5.91 4.77
N TRP B 324 25.69 5.44 4.28
CA TRP B 324 24.55 5.18 5.16
C TRP B 324 24.90 4.02 6.08
N GLN B 325 24.57 4.19 7.36
CA GLN B 325 24.90 3.21 8.40
C GLN B 325 23.63 2.76 9.09
N LEU B 326 23.42 1.45 9.14
CA LEU B 326 22.27 0.89 9.83
C LEU B 326 22.55 0.73 11.31
N TYR B 327 21.58 1.10 12.14
CA TYR B 327 21.70 1.00 13.59
C TYR B 327 20.48 0.28 14.15
N HIS B 328 20.69 -0.44 15.25
CA HIS B 328 19.61 -1.08 15.98
C HIS B 328 19.72 -0.68 17.44
N VAL B 329 18.59 -0.31 18.04
CA VAL B 329 18.53 0.11 19.44
C VAL B 329 17.47 -0.73 20.13
N THR B 330 17.85 -1.43 21.19
CA THR B 330 16.93 -2.27 21.93
C THR B 330 16.17 -1.46 22.97
N LEU B 331 14.87 -1.72 23.07
CA LEU B 331 13.99 -1.03 24.01
C LEU B 331 13.20 -2.04 24.81
N LYS B 332 12.69 -1.58 25.95
CA LYS B 332 11.93 -2.43 26.86
C LYS B 332 10.84 -1.58 27.50
N VAL B 333 9.95 -1.05 26.66
CA VAL B 333 8.91 -0.13 27.09
C VAL B 333 7.60 -0.89 27.25
N THR B 334 6.87 -0.58 28.31
CA THR B 334 5.59 -1.21 28.61
C THR B 334 4.44 -0.24 28.71
N LYS B 335 4.71 1.07 28.73
CA LYS B 335 3.69 2.10 28.79
C LYS B 335 3.75 2.95 27.53
N LYS B 336 2.70 3.73 27.29
CA LYS B 336 2.67 4.57 26.10
C LYS B 336 3.85 5.54 26.16
N PHE B 337 4.46 5.80 25.01
CA PHE B 337 5.75 6.46 25.00
C PHE B 337 5.98 7.16 23.66
N ARG B 338 7.06 7.92 23.62
CA ARG B 338 7.59 8.48 22.38
C ARG B 338 9.06 8.11 22.28
N VAL B 339 9.58 8.16 21.06
CA VAL B 339 11.00 8.01 20.80
C VAL B 339 11.58 9.39 20.53
N VAL B 340 12.77 9.65 21.07
CA VAL B 340 13.38 10.98 21.01
C VAL B 340 14.74 10.84 20.33
N PHE B 341 14.92 11.59 19.24
CA PHE B 341 16.19 11.66 18.53
C PHE B 341 16.80 13.03 18.82
N GLU B 342 17.90 13.06 19.56
CA GLU B 342 18.59 14.30 19.90
C GLU B 342 19.95 14.28 19.21
N GLY B 343 20.10 15.12 18.19
CA GLY B 343 21.39 15.32 17.57
C GLY B 343 22.15 16.44 18.26
N ARG B 344 23.34 16.14 18.77
CA ARG B 344 24.14 17.08 19.54
C ARG B 344 25.47 17.29 18.82
N LYS B 345 25.84 18.55 18.61
CA LYS B 345 27.12 18.86 18.01
C LYS B 345 28.22 18.75 19.05
N GLY B 346 29.31 18.09 18.68
CA GLY B 346 30.47 17.96 19.55
C GLY B 346 31.44 19.11 19.39
N SER B 347 32.61 18.95 20.01
CA SER B 347 33.63 19.99 19.98
C SER B 347 34.38 20.04 18.66
N GLY B 348 34.39 18.96 17.89
CA GLY B 348 35.11 18.95 16.64
C GLY B 348 34.46 19.83 15.58
N ALA B 349 35.26 20.20 14.59
CA ALA B 349 34.78 21.03 13.50
C ALA B 349 33.94 20.21 12.53
N SER B 350 32.84 20.79 12.08
CA SER B 350 31.89 20.11 11.22
C SER B 350 31.52 21.00 10.05
N LEU B 351 31.49 20.41 8.85
CA LEU B 351 31.03 21.11 7.66
C LEU B 351 29.77 20.47 7.09
N GLY B 352 29.19 19.49 7.79
CA GLY B 352 27.96 18.87 7.37
C GLY B 352 27.02 18.66 8.56
N GLY B 353 26.50 17.45 8.70
CA GLY B 353 25.60 17.17 9.81
C GLY B 353 25.18 15.72 9.82
N LEU B 354 24.20 15.42 10.67
CA LEU B 354 23.66 14.08 10.82
C LEU B 354 22.35 13.97 10.06
N SER B 355 22.20 12.89 9.30
CA SER B 355 20.99 12.61 8.54
C SER B 355 20.40 11.28 9.00
N ILE B 356 19.08 11.22 9.08
CA ILE B 356 18.37 10.01 9.51
C ILE B 356 17.28 9.72 8.49
N ASP B 357 17.06 8.44 8.20
CA ASP B 357 16.08 8.05 7.20
C ASP B 357 15.70 6.59 7.42
N ASP B 358 14.57 6.20 6.84
CA ASP B 358 14.08 4.83 6.86
C ASP B 358 14.10 4.25 8.28
N ILE B 359 13.32 4.89 9.13
CA ILE B 359 13.15 4.44 10.51
C ILE B 359 12.06 3.37 10.54
N ASN B 360 12.27 2.35 11.36
CA ASN B 360 11.26 1.33 11.61
C ASN B 360 11.26 0.99 13.08
N LEU B 361 10.08 0.72 13.62
CA LEU B 361 9.92 0.34 15.01
C LEU B 361 8.97 -0.86 15.07
N SER B 362 9.43 -1.94 15.71
CA SER B 362 8.65 -3.14 15.85
C SER B 362 8.93 -3.77 17.19
N GLU B 363 7.92 -4.44 17.75
CA GLU B 363 8.06 -5.15 19.02
C GLU B 363 8.73 -6.50 18.75
N THR B 364 10.01 -6.42 18.41
CA THR B 364 10.80 -7.58 18.04
C THR B 364 12.16 -7.49 18.72
N ARG B 365 12.88 -8.62 18.70
CA ARG B 365 14.24 -8.65 19.22
C ARG B 365 15.21 -8.06 18.18
N CYS B 366 16.06 -7.15 18.62
CA CYS B 366 17.11 -6.65 17.75
C CYS B 366 18.12 -7.77 17.48
N PRO B 367 18.84 -7.68 16.36
CA PRO B 367 19.97 -8.59 16.15
C PRO B 367 21.13 -8.22 17.05
N HIS B 368 21.89 -9.23 17.46
CA HIS B 368 23.00 -9.00 18.37
C HIS B 368 24.13 -8.23 17.69
N HIS B 369 24.41 -8.56 16.42
CA HIS B 369 25.50 -7.94 15.69
C HIS B 369 25.08 -7.76 14.24
N ILE B 370 25.76 -6.84 13.55
CA ILE B 370 25.48 -6.53 12.17
C ILE B 370 26.80 -6.51 11.39
N TRP B 371 26.80 -7.11 10.21
CA TRP B 371 27.95 -7.11 9.31
C TRP B 371 27.60 -6.25 8.10
N HIS B 372 28.31 -5.14 7.94
CA HIS B 372 28.07 -4.18 6.88
C HIS B 372 29.16 -4.33 5.82
N ILE B 373 28.76 -4.71 4.61
CA ILE B 373 29.67 -4.92 3.50
C ILE B 373 29.52 -3.76 2.53
N ARG B 374 30.59 -2.99 2.34
CA ARG B 374 30.61 -1.91 1.38
C ARG B 374 31.06 -2.42 0.02
N ASN B 375 30.66 -1.69 -1.02
CA ASN B 375 31.05 -1.97 -2.41
C ASN B 375 30.89 -3.47 -2.71
N PHE B 376 29.65 -3.93 -2.61
CA PHE B 376 29.37 -5.36 -2.56
C PHE B 376 29.26 -5.99 -3.94
N THR B 377 28.77 -5.25 -4.94
CA THR B 377 28.43 -5.88 -6.22
C THR B 377 29.65 -6.49 -6.90
N GLN B 378 30.83 -5.91 -6.70
CA GLN B 378 32.03 -6.42 -7.37
C GLN B 378 32.34 -7.86 -7.00
N PHE B 379 31.88 -8.33 -5.84
CA PHE B 379 32.24 -9.65 -5.35
C PHE B 379 31.32 -10.76 -5.84
N ILE B 380 30.21 -10.43 -6.49
CA ILE B 380 29.25 -11.45 -6.91
C ILE B 380 29.84 -12.24 -8.07
N GLY B 381 30.00 -13.54 -7.87
CA GLY B 381 30.57 -14.40 -8.90
C GLY B 381 32.05 -14.19 -9.13
N SER B 382 32.73 -13.49 -8.24
CA SER B 382 34.14 -13.18 -8.43
C SER B 382 35.02 -14.11 -7.60
N PRO B 383 36.20 -14.49 -8.11
CA PRO B 383 37.10 -15.33 -7.29
C PRO B 383 37.52 -14.68 -5.99
N ASN B 384 37.64 -13.35 -5.95
CA ASN B 384 37.98 -12.64 -4.72
C ASN B 384 36.75 -12.38 -3.85
N GLY B 385 35.63 -13.04 -4.13
CA GLY B 385 34.42 -12.87 -3.36
C GLY B 385 34.35 -13.82 -2.19
N THR B 386 35.46 -13.93 -1.45
CA THR B 386 35.55 -14.77 -0.26
C THR B 386 35.66 -13.82 0.92
N LEU B 387 34.52 -13.53 1.55
CA LEU B 387 34.40 -12.43 2.50
C LEU B 387 34.26 -12.99 3.92
N TYR B 388 34.95 -12.34 4.85
CA TYR B 388 34.90 -12.70 6.26
C TYR B 388 34.47 -11.49 7.08
N SER B 389 33.53 -11.69 7.98
CA SER B 389 33.02 -10.61 8.80
C SER B 389 34.08 -10.18 9.80
N PRO B 390 33.84 -9.09 10.52
CA PRO B 390 34.66 -8.79 11.69
C PRO B 390 34.42 -9.84 12.76
N PRO B 391 35.33 -9.98 13.72
CA PRO B 391 35.06 -10.90 14.83
C PRO B 391 34.01 -10.33 15.75
N PHE B 392 33.12 -11.21 16.22
CA PHE B 392 32.08 -10.82 17.16
C PHE B 392 32.13 -11.77 18.36
N TYR B 393 31.55 -11.33 19.46
CA TYR B 393 31.41 -12.14 20.66
C TYR B 393 29.92 -12.42 20.86
N SER B 394 29.56 -13.70 20.93
CA SER B 394 28.18 -14.08 21.20
C SER B 394 27.81 -13.69 22.63
N SER B 395 26.53 -13.85 22.95
CA SER B 395 26.03 -13.47 24.27
C SER B 395 26.68 -14.30 25.38
N LYS B 396 27.03 -15.56 25.09
CA LYS B 396 27.63 -16.43 26.08
C LYS B 396 29.15 -16.30 26.16
N GLY B 397 29.77 -15.53 25.26
CA GLY B 397 31.20 -15.27 25.31
C GLY B 397 32.00 -15.90 24.18
N TYR B 398 31.38 -16.70 23.33
CA TYR B 398 32.10 -17.33 22.23
C TYR B 398 32.41 -16.31 21.14
N ALA B 399 33.66 -16.28 20.71
CA ALA B 399 34.05 -15.46 19.57
C ALA B 399 33.71 -16.22 18.28
N PHE B 400 33.14 -15.50 17.32
CA PHE B 400 32.73 -16.12 16.06
C PHE B 400 32.97 -15.17 14.90
N GLN B 401 32.91 -15.74 13.70
CA GLN B 401 33.13 -15.01 12.47
C GLN B 401 32.24 -15.63 11.41
N ILE B 402 31.79 -14.81 10.46
CA ILE B 402 30.88 -15.24 9.41
C ILE B 402 31.64 -15.27 8.10
N TYR B 403 31.42 -16.33 7.31
CA TYR B 403 32.05 -16.48 6.00
C TYR B 403 30.95 -16.50 4.94
N LEU B 404 31.01 -15.54 4.03
CA LEU B 404 30.07 -15.41 2.92
C LEU B 404 30.82 -15.66 1.62
N ASN B 405 30.42 -16.71 0.90
CA ASN B 405 31.09 -17.12 -0.33
C ASN B 405 30.22 -16.77 -1.53
N LEU B 406 30.68 -15.82 -2.33
CA LEU B 406 29.99 -15.39 -3.53
C LEU B 406 30.71 -15.82 -4.81
N ALA B 407 31.75 -16.65 -4.68
CA ALA B 407 32.62 -16.93 -5.82
C ALA B 407 31.97 -17.89 -6.83
N HIS B 408 31.11 -18.80 -6.37
CA HIS B 408 30.50 -19.75 -7.28
C HIS B 408 29.48 -19.06 -8.17
N VAL B 409 29.12 -19.75 -9.25
CA VAL B 409 28.47 -19.08 -10.38
C VAL B 409 26.99 -18.83 -10.13
N THR B 410 26.30 -19.73 -9.43
CA THR B 410 24.85 -19.63 -9.27
C THR B 410 24.39 -19.38 -7.85
N ASN B 411 25.06 -19.95 -6.85
CA ASN B 411 24.60 -19.89 -5.46
C ASN B 411 25.61 -19.17 -4.59
N ALA B 412 25.10 -18.43 -3.62
CA ALA B 412 25.91 -17.85 -2.56
C ALA B 412 25.79 -18.72 -1.31
N GLY B 413 26.92 -18.97 -0.66
CA GLY B 413 26.97 -19.78 0.54
C GLY B 413 27.37 -18.93 1.73
N ILE B 414 26.85 -19.29 2.90
CA ILE B 414 27.17 -18.58 4.14
C ILE B 414 27.46 -19.63 5.21
N TYR B 415 28.43 -19.34 6.08
CA TYR B 415 28.89 -20.30 7.07
C TYR B 415 29.22 -19.58 8.37
N PHE B 416 28.94 -20.25 9.49
CA PHE B 416 29.21 -19.72 10.82
C PHE B 416 30.48 -20.37 11.36
N HIS B 417 31.45 -19.54 11.74
CA HIS B 417 32.73 -20.00 12.28
C HIS B 417 32.87 -19.55 13.73
N LEU B 418 33.27 -20.48 14.59
CA LEU B 418 33.84 -20.10 15.88
C LEU B 418 35.31 -19.76 15.68
N ILE B 419 35.78 -18.75 16.40
CA ILE B 419 37.16 -18.30 16.30
C ILE B 419 37.71 -18.16 17.72
N SER B 420 39.03 -18.06 17.82
CA SER B 420 39.67 -17.93 19.11
C SER B 420 39.31 -16.59 19.75
N GLY B 421 39.01 -16.63 21.05
CA GLY B 421 38.55 -15.46 21.76
C GLY B 421 39.13 -15.40 23.15
N ALA B 422 38.85 -14.31 23.84
CA ALA B 422 39.48 -14.02 25.12
C ALA B 422 38.87 -14.80 26.28
N ASN B 423 37.71 -15.43 26.09
CA ASN B 423 37.07 -16.19 27.15
C ASN B 423 37.19 -17.70 26.96
N ASP B 424 37.98 -18.13 25.97
CA ASP B 424 38.01 -19.56 25.64
C ASP B 424 38.45 -20.41 26.82
N ASP B 425 39.30 -19.88 27.69
CA ASP B 425 39.73 -20.64 28.86
C ASP B 425 38.56 -20.99 29.78
N GLN B 426 37.56 -20.11 29.86
CA GLN B 426 36.44 -20.31 30.78
C GLN B 426 35.16 -20.74 30.08
N LEU B 427 35.21 -21.03 28.78
CA LEU B 427 34.02 -21.41 28.03
C LEU B 427 33.86 -22.92 27.98
N GLN B 428 32.61 -23.35 27.80
CA GLN B 428 32.28 -24.76 27.65
C GLN B 428 32.63 -25.23 26.24
N TRP B 429 33.42 -26.31 26.17
CA TRP B 429 33.78 -26.92 24.90
C TRP B 429 33.44 -28.39 24.92
N PRO B 430 32.95 -28.96 23.81
CA PRO B 430 32.58 -28.31 22.55
C PRO B 430 31.36 -27.39 22.70
N CYS B 431 31.28 -26.34 21.88
CA CYS B 431 30.21 -25.35 21.94
C CYS B 431 28.84 -26.02 21.92
N PRO B 432 28.07 -25.98 23.02
CA PRO B 432 26.81 -26.74 23.06
C PRO B 432 25.56 -25.90 22.81
N TRP B 433 24.84 -26.23 21.75
CA TRP B 433 23.48 -25.75 21.53
C TRP B 433 23.42 -24.22 21.49
N GLN B 434 24.29 -23.62 20.70
CA GLN B 434 24.22 -22.20 20.38
C GLN B 434 23.67 -22.06 18.97
N GLN B 435 22.51 -21.42 18.86
CA GLN B 435 21.84 -21.25 17.58
C GLN B 435 22.32 -19.96 16.93
N ALA B 436 22.93 -20.08 15.76
CA ALA B 436 23.41 -18.94 14.98
C ALA B 436 22.39 -18.65 13.89
N THR B 437 21.84 -17.45 13.90
CA THR B 437 20.86 -17.02 12.91
C THR B 437 21.50 -15.96 12.02
N MET B 438 21.55 -16.23 10.72
CA MET B 438 22.17 -15.35 9.75
C MET B 438 21.11 -14.86 8.78
N THR B 439 20.93 -13.54 8.70
CA THR B 439 19.85 -12.94 7.93
C THR B 439 20.43 -11.93 6.95
N LEU B 440 20.22 -12.17 5.67
CA LEU B 440 20.54 -11.19 4.62
C LEU B 440 19.41 -10.19 4.54
N LEU B 441 19.68 -8.94 4.91
CA LEU B 441 18.61 -7.95 5.06
C LEU B 441 18.10 -7.49 3.70
N ASP B 442 16.79 -7.60 3.50
CA ASP B 442 16.11 -6.98 2.36
C ASP B 442 15.82 -5.53 2.76
N GLN B 443 16.64 -4.61 2.27
CA GLN B 443 16.62 -3.25 2.77
C GLN B 443 15.48 -2.42 2.20
N ASN B 444 14.26 -2.96 2.26
CA ASN B 444 13.10 -2.14 1.93
C ASN B 444 12.90 -1.09 3.01
N PRO B 445 12.56 0.16 2.63
CA PRO B 445 12.29 1.17 3.66
C PRO B 445 11.28 0.72 4.70
N ASP B 446 10.25 -0.02 4.27
CA ASP B 446 9.18 -0.47 5.16
C ASP B 446 9.49 -1.89 5.62
N ILE B 447 9.63 -2.07 6.94
CA ILE B 447 9.93 -3.39 7.48
C ILE B 447 8.84 -4.39 7.08
N ARG B 448 7.62 -3.92 6.85
CA ARG B 448 6.52 -4.81 6.51
C ARG B 448 6.66 -5.41 5.12
N GLN B 449 7.49 -4.82 4.25
CA GLN B 449 7.66 -5.29 2.89
C GLN B 449 9.04 -5.90 2.67
N ARG B 450 9.67 -6.41 3.73
CA ARG B 450 11.00 -7.00 3.63
C ARG B 450 10.88 -8.51 3.49
N MET B 451 11.61 -9.06 2.52
CA MET B 451 11.69 -10.50 2.34
C MET B 451 13.11 -10.96 2.65
N SER B 452 13.56 -10.72 3.87
CA SER B 452 14.94 -11.03 4.24
C SER B 452 15.16 -12.53 4.21
N ASN B 453 16.35 -12.94 3.78
CA ASN B 453 16.71 -14.34 3.61
C ASN B 453 17.49 -14.79 4.84
N GLN B 454 16.92 -15.74 5.58
CA GLN B 454 17.42 -16.10 6.91
C GLN B 454 17.65 -17.60 7.00
N ARG B 455 18.83 -17.99 7.49
CA ARG B 455 19.16 -19.37 7.78
C ARG B 455 19.74 -19.47 9.18
N SER B 456 19.44 -20.57 9.85
CA SER B 456 19.89 -20.80 11.22
C SER B 456 20.55 -22.17 11.32
N ILE B 457 21.61 -22.24 12.13
CA ILE B 457 22.23 -23.51 12.48
C ILE B 457 22.47 -23.51 13.99
N THR B 458 22.52 -24.71 14.56
CA THR B 458 22.76 -24.88 15.98
C THR B 458 24.00 -25.75 16.17
N THR B 459 24.91 -25.31 17.02
CA THR B 459 26.14 -26.04 17.26
C THR B 459 25.83 -27.31 18.05
N ASP B 460 26.14 -28.46 17.46
CA ASP B 460 25.95 -29.75 18.14
C ASP B 460 27.27 -30.15 18.77
N PRO B 461 27.38 -30.20 20.10
CA PRO B 461 28.68 -30.48 20.72
C PRO B 461 29.18 -31.90 20.49
N PHE B 462 28.37 -32.78 19.92
CA PHE B 462 28.79 -34.14 19.62
C PHE B 462 29.24 -34.32 18.17
N MET B 463 29.00 -33.34 17.31
CA MET B 463 29.43 -33.45 15.93
C MET B 463 30.96 -33.49 15.87
N THR B 464 31.48 -34.41 15.06
CA THR B 464 32.91 -34.64 14.95
C THR B 464 33.37 -34.40 13.51
N THR B 465 34.69 -34.30 13.35
CA THR B 465 35.31 -34.17 12.04
C THR B 465 35.94 -35.51 11.65
N ASP B 466 36.45 -35.57 10.42
CA ASP B 466 36.95 -36.83 9.90
C ASP B 466 38.15 -37.34 10.70
N ASN B 467 38.95 -36.45 11.27
CA ASN B 467 40.14 -36.85 12.02
C ASN B 467 39.86 -37.12 13.49
N GLY B 468 38.59 -37.20 13.90
CA GLY B 468 38.22 -37.55 15.26
C GLY B 468 37.95 -36.39 16.18
N ASN B 469 38.33 -35.16 15.80
CA ASN B 469 38.06 -34.01 16.63
C ASN B 469 36.58 -33.67 16.64
N TYR B 470 36.15 -32.98 17.70
CA TYR B 470 34.80 -32.45 17.76
C TYR B 470 34.72 -31.19 16.90
N PHE B 471 33.68 -31.11 16.07
CA PHE B 471 33.58 -30.03 15.09
C PHE B 471 33.61 -28.68 15.76
N TRP B 472 32.80 -28.49 16.82
CA TRP B 472 32.66 -27.21 17.49
C TRP B 472 33.59 -27.07 18.69
N ASP B 473 34.75 -27.72 18.66
CA ASP B 473 35.70 -27.63 19.76
C ASP B 473 36.45 -26.31 19.71
N ARG B 474 37.26 -26.06 20.75
CA ARG B 474 38.01 -24.82 20.85
C ARG B 474 38.85 -24.59 19.59
N PRO B 475 38.70 -23.45 18.92
CA PRO B 475 39.45 -23.23 17.67
C PRO B 475 40.96 -23.38 17.81
N SER B 476 41.53 -23.10 18.98
CA SER B 476 42.97 -23.29 19.14
C SER B 476 43.36 -24.75 19.00
N LYS B 477 42.45 -25.67 19.33
CA LYS B 477 42.74 -27.09 19.22
C LYS B 477 42.47 -27.62 17.81
N VAL B 478 41.35 -27.23 17.22
CA VAL B 478 40.88 -27.84 15.98
C VAL B 478 40.84 -26.89 14.81
N GLY B 479 41.09 -25.59 15.01
CA GLY B 479 40.97 -24.63 13.94
C GLY B 479 42.25 -24.49 13.11
N THR B 480 42.11 -23.82 11.98
CA THR B 480 43.23 -23.51 11.10
C THR B 480 43.72 -22.08 11.37
N VAL B 481 44.90 -21.79 10.82
CA VAL B 481 45.51 -20.48 11.01
C VAL B 481 44.86 -19.47 10.08
N ALA B 482 44.57 -18.29 10.61
CA ALA B 482 44.00 -17.20 9.83
C ALA B 482 44.58 -15.89 10.32
N LEU B 483 44.51 -14.88 9.45
CA LEU B 483 45.05 -13.56 9.74
C LEU B 483 43.93 -12.53 9.74
N PHE B 484 43.84 -11.75 10.80
CA PHE B 484 42.92 -10.62 10.82
C PHE B 484 43.38 -9.57 9.82
N SER B 485 42.49 -8.62 9.54
CA SER B 485 42.82 -7.55 8.60
C SER B 485 44.02 -6.75 9.06
N ASN B 486 44.21 -6.59 10.37
CA ASN B 486 45.33 -5.85 10.92
C ASN B 486 46.61 -6.67 11.00
N GLY B 487 46.61 -7.90 10.47
CA GLY B 487 47.78 -8.74 10.50
C GLY B 487 47.85 -9.70 11.69
N THR B 488 47.01 -9.50 12.70
CA THR B 488 47.04 -10.34 13.89
C THR B 488 46.59 -11.76 13.54
N GLN B 489 47.31 -12.74 14.08
CA GLN B 489 47.01 -14.13 13.82
C GLN B 489 45.93 -14.63 14.77
N PHE B 490 45.08 -15.52 14.28
CA PHE B 490 44.08 -16.17 15.12
C PHE B 490 43.77 -17.54 14.53
N ARG B 491 43.00 -18.31 15.28
CA ARG B 491 42.56 -19.65 14.88
C ARG B 491 41.08 -19.60 14.52
N ARG B 492 40.74 -20.20 13.40
CA ARG B 492 39.37 -20.23 12.90
C ARG B 492 38.91 -21.68 12.84
N GLY B 493 37.86 -22.00 13.59
CA GLY B 493 37.31 -23.33 13.60
C GLY B 493 36.55 -23.63 12.31
N GLY B 494 35.88 -24.78 12.31
CA GLY B 494 35.14 -25.19 11.14
C GLY B 494 33.94 -24.30 10.88
N GLY B 495 33.62 -24.13 9.60
CA GLY B 495 32.50 -23.32 9.18
C GLY B 495 31.29 -24.19 8.83
N TYR B 496 30.13 -23.79 9.34
CA TYR B 496 28.90 -24.55 9.16
C TYR B 496 27.78 -23.60 8.75
N GLY B 497 27.06 -23.98 7.69
CA GLY B 497 25.96 -23.19 7.19
C GLY B 497 25.33 -23.85 5.98
N THR B 498 25.45 -23.23 4.81
CA THR B 498 24.98 -23.85 3.58
C THR B 498 25.61 -23.14 2.39
N SER B 499 25.93 -23.91 1.36
CA SER B 499 26.39 -23.36 0.09
C SER B 499 25.25 -22.83 -0.76
N ALA B 500 23.99 -23.07 -0.34
CA ALA B 500 22.83 -22.58 -1.07
C ALA B 500 22.04 -21.60 -0.21
N PHE B 501 22.73 -20.58 0.30
CA PHE B 501 22.07 -19.56 1.11
C PHE B 501 21.07 -18.76 0.28
N ILE B 502 21.51 -18.25 -0.87
CA ILE B 502 20.64 -17.48 -1.76
C ILE B 502 21.25 -17.52 -3.16
N THR B 503 20.38 -17.63 -4.16
CA THR B 503 20.86 -17.56 -5.54
C THR B 503 21.34 -16.14 -5.84
N HIS B 504 22.30 -16.04 -6.77
CA HIS B 504 22.81 -14.74 -7.15
C HIS B 504 21.73 -13.86 -7.75
N GLU B 505 20.77 -14.46 -8.48
CA GLU B 505 19.69 -13.66 -9.07
C GLU B 505 18.81 -13.04 -7.98
N ARG B 506 18.39 -13.85 -7.00
CA ARG B 506 17.60 -13.30 -5.90
C ARG B 506 18.41 -12.31 -5.08
N LEU B 507 19.72 -12.56 -4.93
CA LEU B 507 20.58 -11.62 -4.23
C LEU B 507 20.58 -10.26 -4.90
N LYS B 508 20.42 -10.23 -6.23
CA LYS B 508 20.39 -8.99 -6.97
C LYS B 508 18.99 -8.42 -7.13
N SER B 509 17.99 -9.05 -6.54
CA SER B 509 16.61 -8.59 -6.62
C SER B 509 16.25 -7.79 -5.38
N ARG B 510 15.10 -7.13 -5.45
CA ARG B 510 14.59 -6.35 -4.32
C ARG B 510 15.66 -5.42 -3.77
N ASP B 511 15.82 -5.34 -2.46
CA ASP B 511 16.72 -4.36 -1.85
C ASP B 511 17.78 -5.02 -0.96
N PHE B 512 18.18 -6.26 -1.27
CA PHE B 512 19.32 -6.85 -0.57
C PHE B 512 20.56 -5.99 -0.77
N ILE B 513 20.82 -5.60 -2.01
CA ILE B 513 21.86 -4.65 -2.34
C ILE B 513 21.20 -3.28 -2.49
N LYS B 514 21.63 -2.32 -1.68
CA LYS B 514 21.12 -0.96 -1.77
C LYS B 514 22.26 0.00 -1.49
N GLY B 515 22.51 0.91 -2.42
CA GLY B 515 23.70 1.75 -2.36
C GLY B 515 24.98 0.93 -2.46
N ASP B 516 24.92 -0.21 -3.15
CA ASP B 516 26.05 -1.13 -3.22
C ASP B 516 26.48 -1.59 -1.83
N ASP B 517 25.54 -1.61 -0.89
CA ASP B 517 25.79 -2.04 0.48
C ASP B 517 24.92 -3.25 0.80
N VAL B 518 25.47 -4.15 1.61
CA VAL B 518 24.74 -5.32 2.09
C VAL B 518 24.87 -5.38 3.60
N TYR B 519 23.80 -5.78 4.27
CA TYR B 519 23.79 -5.97 5.72
C TYR B 519 23.36 -7.39 6.05
N ILE B 520 24.17 -8.06 6.85
CA ILE B 520 23.87 -9.40 7.35
C ILE B 520 23.66 -9.30 8.84
N LEU B 521 22.49 -9.73 9.30
CA LEU B 521 22.11 -9.63 10.71
C LEU B 521 22.38 -10.96 11.40
N LEU B 522 22.93 -10.88 12.62
CA LEU B 522 23.47 -12.04 13.31
C LEU B 522 22.94 -12.11 14.73
N THR B 523 22.48 -13.30 15.13
CA THR B 523 22.06 -13.57 16.49
C THR B 523 22.58 -14.95 16.88
N VAL B 524 23.35 -15.02 17.96
CA VAL B 524 23.88 -16.29 18.48
C VAL B 524 23.33 -16.44 19.89
N GLU B 525 22.40 -17.39 20.06
CA GLU B 525 21.64 -17.52 21.29
C GLU B 525 21.70 -18.96 21.79
N ASP B 526 21.90 -19.10 23.10
CA ASP B 526 21.82 -20.42 23.72
C ASP B 526 20.37 -20.89 23.72
N ILE B 527 20.09 -21.99 23.03
CA ILE B 527 18.76 -22.54 22.93
C ILE B 527 18.65 -23.88 23.64
N SER B 528 19.56 -24.16 24.59
CA SER B 528 19.50 -25.41 25.33
C SER B 528 18.23 -25.52 26.15
N HIS B 529 17.58 -24.39 26.46
CA HIS B 529 16.31 -24.42 27.17
C HIS B 529 15.18 -24.99 26.32
N LEU B 530 15.38 -25.17 25.02
CA LEU B 530 14.37 -25.75 24.15
C LEU B 530 14.43 -27.27 24.14
N ASN B 531 15.39 -27.86 24.86
CA ASN B 531 15.50 -29.31 24.91
C ASN B 531 14.23 -29.96 25.43
N SER B 532 13.52 -29.29 26.33
CA SER B 532 12.30 -29.81 26.95
C SER B 532 11.15 -28.85 26.61
N THR B 533 10.27 -29.27 25.70
CA THR B 533 9.10 -28.48 25.34
C THR B 533 7.83 -29.32 25.37
#